data_6F09
#
_entry.id   6F09
#
_cell.length_a   60.379
_cell.length_b   64.890
_cell.length_c   71.519
_cell.angle_alpha   99.71
_cell.angle_beta   114.22
_cell.angle_gamma   108.79
#
_symmetry.space_group_name_H-M   'P 1'
#
loop_
_entity.id
_entity.type
_entity.pdbx_description
1 polymer '14-3-3 protein zeta/delta'
2 polymer 'Ubiquitin carboxyl-terminal hydrolase 8'
3 water water
#
loop_
_entity_poly.entity_id
_entity_poly.type
_entity_poly.pdbx_seq_one_letter_code
_entity_poly.pdbx_strand_id
1 'polypeptide(L)'
;MDKNELVQKAKLAEQAERYDDMAACMKSVTEQGAELSNEERNLLSVAYKNVVGARRSSWRVVSSIEQKTEGAEKKQQMAR
EYREKIETELRDICNDVLSLLEKFLIPNASQAESKVFYLKMKGDYYRYLAEVAAGDDKKGIVDQSQQAYQEAFEISKKEM
QPTHPIRLGLALNFSVFYYEILNSPEKACSLAKTAFDEAIAELDTLSEESYKDSTLIMQLLRDNLTLWTS
;
P,Q,R,S
2 'polypeptide(L)' KLKRSY(SEP)SPDITQ A,B,C,D
#
# COMPACT_ATOMS: atom_id res chain seq x y z
N ASP A 2 -23.07 -16.57 -9.33
CA ASP A 2 -23.45 -15.93 -8.06
C ASP A 2 -22.22 -15.24 -7.48
N LYS A 3 -22.17 -13.92 -7.62
CA LYS A 3 -20.98 -13.16 -7.25
C LYS A 3 -20.75 -13.20 -5.75
N ASN A 4 -21.80 -13.03 -4.95
CA ASN A 4 -21.58 -12.87 -3.52
C ASN A 4 -21.04 -14.14 -2.89
N GLU A 5 -21.42 -15.30 -3.44
CA GLU A 5 -20.89 -16.56 -2.94
C GLU A 5 -19.41 -16.71 -3.28
N LEU A 6 -19.02 -16.36 -4.51
CA LEU A 6 -17.60 -16.44 -4.88
C LEU A 6 -16.75 -15.48 -4.05
N VAL A 7 -17.27 -14.27 -3.78
CA VAL A 7 -16.57 -13.34 -2.91
C VAL A 7 -16.41 -13.92 -1.50
N GLN A 8 -17.50 -14.42 -0.91
CA GLN A 8 -17.33 -14.98 0.43
C GLN A 8 -16.34 -16.14 0.41
N LYS A 9 -16.33 -16.95 -0.66
CA LYS A 9 -15.32 -18.02 -0.76
C LYS A 9 -13.90 -17.46 -0.91
N ALA A 10 -13.73 -16.39 -1.70
CA ALA A 10 -12.43 -15.75 -1.81
C ALA A 10 -11.94 -15.28 -0.44
N LYS A 11 -12.86 -14.79 0.40
CA LYS A 11 -12.49 -14.31 1.71
C LYS A 11 -12.06 -15.44 2.63
N LEU A 12 -12.76 -16.58 2.58
CA LEU A 12 -12.34 -17.77 3.32
C LEU A 12 -10.95 -18.22 2.86
N ALA A 13 -10.75 -18.28 1.54
CA ALA A 13 -9.48 -18.71 1.01
C ALA A 13 -8.36 -17.78 1.49
N GLU A 14 -8.67 -16.48 1.61
CA GLU A 14 -7.66 -15.53 2.04
C GLU A 14 -7.26 -15.80 3.48
N GLN A 15 -8.26 -15.98 4.34
CA GLN A 15 -7.99 -16.33 5.72
C GLN A 15 -7.21 -17.63 5.80
N ALA A 16 -7.51 -18.58 4.91
CA ALA A 16 -6.81 -19.86 4.88
C ALA A 16 -5.45 -19.80 4.21
N GLU A 17 -5.08 -18.66 3.64
CA GLU A 17 -3.82 -18.52 2.91
C GLU A 17 -3.72 -19.50 1.76
N ARG A 18 -4.85 -19.77 1.15
CA ARG A 18 -4.95 -20.60 -0.05
C ARG A 18 -5.12 -19.63 -1.23
N TYR A 19 -4.01 -19.04 -1.66
CA TYR A 19 -4.16 -17.94 -2.61
C TYR A 19 -4.49 -18.40 -4.02
N ASP A 20 -4.06 -19.60 -4.44
CA ASP A 20 -4.57 -20.10 -5.73
C ASP A 20 -6.10 -20.18 -5.73
N ASP A 21 -6.69 -20.75 -4.67
CA ASP A 21 -8.15 -20.80 -4.58
C ASP A 21 -8.74 -19.40 -4.63
N MET A 22 -8.13 -18.48 -3.89
CA MET A 22 -8.64 -17.13 -3.80
C MET A 22 -8.63 -16.47 -5.16
N ALA A 23 -7.56 -16.72 -5.91
CA ALA A 23 -7.42 -16.04 -7.19
C ALA A 23 -8.45 -16.57 -8.15
N ALA A 24 -8.72 -17.88 -8.10
CA ALA A 24 -9.72 -18.46 -8.96
C ALA A 24 -11.09 -17.88 -8.65
N CYS A 25 -11.39 -17.65 -7.37
CA CYS A 25 -12.68 -17.07 -7.02
C CYS A 25 -12.81 -15.67 -7.58
N MET A 26 -11.78 -14.83 -7.39
CA MET A 26 -11.87 -13.45 -7.84
C MET A 26 -11.79 -13.33 -9.34
N LYS A 27 -11.11 -14.26 -10.01
CA LYS A 27 -11.17 -14.32 -11.45
C LYS A 27 -12.60 -14.55 -11.93
N SER A 28 -13.30 -15.48 -11.29
CA SER A 28 -14.67 -15.75 -11.71
C SER A 28 -15.59 -14.57 -11.41
N VAL A 29 -15.38 -13.90 -10.27
CA VAL A 29 -16.11 -12.69 -9.95
C VAL A 29 -15.89 -11.64 -11.04
N THR A 30 -14.68 -11.60 -11.59
CA THR A 30 -14.36 -10.58 -12.59
C THR A 30 -14.96 -10.93 -13.93
N GLU A 31 -15.03 -12.20 -14.23
CA GLU A 31 -15.56 -12.63 -15.50
C GLU A 31 -17.08 -12.53 -15.52
N GLN A 32 -17.66 -11.89 -14.49
CA GLN A 32 -19.02 -11.37 -14.57
C GLN A 32 -19.07 -10.11 -15.43
N GLY A 33 -18.58 -9.00 -14.88
CA GLY A 33 -18.66 -7.70 -15.54
C GLY A 33 -19.14 -6.63 -14.58
N ALA A 34 -19.83 -7.06 -13.52
C ALA A 34 -18.36 -5.21 -11.94
N GLU A 35 -18.18 -3.93 -12.23
CA GLU A 35 -17.13 -3.17 -11.59
C GLU A 35 -16.96 -3.62 -10.14
N LEU A 36 -15.71 -3.76 -9.71
CA LEU A 36 -15.38 -4.30 -8.42
C LEU A 36 -15.41 -3.22 -7.35
N SER A 37 -15.94 -3.57 -6.18
CA SER A 37 -15.87 -2.71 -5.01
C SER A 37 -14.42 -2.47 -4.58
N ASN A 38 -14.25 -1.47 -3.72
CA ASN A 38 -12.97 -1.27 -3.05
C ASN A 38 -12.48 -2.59 -2.45
N GLU A 39 -13.42 -3.35 -1.88
CA GLU A 39 -13.09 -4.60 -1.22
C GLU A 39 -12.73 -5.70 -2.22
N GLU A 40 -13.58 -5.91 -3.23
CA GLU A 40 -13.32 -6.96 -4.21
C GLU A 40 -12.04 -6.65 -4.98
N ARG A 41 -11.75 -5.38 -5.21
CA ARG A 41 -10.52 -5.02 -5.91
C ARG A 41 -9.28 -5.44 -5.12
N ASN A 42 -9.28 -5.19 -3.82
CA ASN A 42 -8.16 -5.62 -2.98
C ASN A 42 -8.09 -7.14 -2.85
N LEU A 43 -9.24 -7.83 -2.88
CA LEU A 43 -9.21 -9.30 -2.91
C LEU A 43 -8.50 -9.80 -4.17
N LEU A 44 -8.91 -9.32 -5.32
CA LEU A 44 -8.26 -9.75 -6.56
C LEU A 44 -6.78 -9.45 -6.52
N SER A 45 -6.40 -8.25 -6.08
CA SER A 45 -5.01 -7.84 -6.03
C SER A 45 -4.19 -8.69 -5.07
N VAL A 46 -4.73 -8.89 -3.86
CA VAL A 46 -4.04 -9.68 -2.84
C VAL A 46 -3.82 -11.10 -3.35
N ALA A 47 -4.86 -11.68 -3.96
CA ALA A 47 -4.79 -13.05 -4.42
C ALA A 47 -3.69 -13.22 -5.45
N TYR A 48 -3.73 -12.41 -6.51
CA TYR A 48 -2.75 -12.61 -7.58
C TYR A 48 -1.36 -12.19 -7.15
N LYS A 49 -1.26 -11.23 -6.25
CA LYS A 49 0.07 -10.81 -5.81
C LYS A 49 0.79 -11.96 -5.13
N ASN A 50 0.05 -12.69 -4.28
CA ASN A 50 0.63 -13.85 -3.61
C ASN A 50 0.87 -15.01 -4.55
N VAL A 51 -0.10 -15.29 -5.45
CA VAL A 51 0.05 -16.36 -6.45
C VAL A 51 1.30 -16.10 -7.29
N VAL A 52 1.39 -14.92 -7.91
CA VAL A 52 2.55 -14.65 -8.74
C VAL A 52 3.80 -14.51 -7.88
N GLY A 53 3.65 -14.00 -6.65
CA GLY A 53 4.81 -13.81 -5.77
C GLY A 53 5.51 -15.11 -5.43
N ALA A 54 4.74 -16.18 -5.23
CA ALA A 54 5.37 -17.47 -4.97
C ALA A 54 6.19 -17.92 -6.15
N ARG A 55 5.68 -17.71 -7.36
CA ARG A 55 6.43 -18.16 -8.54
C ARG A 55 7.65 -17.29 -8.79
N ARG A 56 7.54 -15.97 -8.57
CA ARG A 56 8.70 -15.11 -8.73
C ARG A 56 9.82 -15.52 -7.78
N SER A 57 9.47 -15.82 -6.55
CA SER A 57 10.48 -16.23 -5.57
C SER A 57 11.13 -17.54 -5.97
N SER A 58 10.33 -18.54 -6.31
CA SER A 58 10.88 -19.81 -6.77
C SER A 58 11.76 -19.62 -8.02
N TRP A 59 11.26 -18.82 -8.98
CA TRP A 59 12.01 -18.57 -10.19
C TRP A 59 13.38 -17.99 -9.87
N ARG A 60 13.45 -16.99 -8.99
CA ARG A 60 14.73 -16.37 -8.69
C ARG A 60 15.69 -17.40 -8.10
N VAL A 61 15.21 -18.22 -7.18
CA VAL A 61 16.10 -19.20 -6.56
C VAL A 61 16.57 -20.20 -7.59
N VAL A 62 15.66 -20.75 -8.41
CA VAL A 62 16.12 -21.80 -9.31
C VAL A 62 16.95 -21.23 -10.46
N SER A 63 16.60 -20.04 -10.94
CA SER A 63 17.43 -19.38 -11.94
C SER A 63 18.84 -19.19 -11.40
N SER A 64 18.97 -18.84 -10.12
CA SER A 64 20.30 -18.67 -9.55
C SER A 64 21.06 -19.98 -9.50
N ILE A 65 20.39 -21.08 -9.16
CA ILE A 65 21.03 -22.39 -9.17
C ILE A 65 21.43 -22.76 -10.59
N GLU A 66 20.53 -22.50 -11.54
CA GLU A 66 20.82 -22.81 -12.94
C GLU A 66 22.08 -22.11 -13.42
N GLN A 67 22.25 -20.84 -13.05
CA GLN A 67 23.39 -20.06 -13.53
C GLN A 67 24.68 -20.37 -12.78
N LYS A 68 24.58 -20.77 -11.51
CA LYS A 68 25.76 -20.99 -10.70
C LYS A 68 26.34 -22.38 -10.84
N THR A 69 25.54 -23.37 -11.26
CA THR A 69 25.99 -24.75 -11.21
C THR A 69 27.10 -24.97 -12.24
N GLU A 70 28.20 -25.55 -11.80
CA GLU A 70 29.35 -25.79 -12.65
C GLU A 70 29.81 -27.22 -12.47
N GLY A 71 30.28 -27.83 -13.55
CA GLY A 71 30.83 -29.18 -13.47
C GLY A 71 29.83 -30.24 -13.05
N ALA A 72 28.54 -30.03 -13.36
CA ALA A 72 27.49 -31.01 -13.07
C ALA A 72 26.37 -30.81 -14.10
N GLU A 73 26.62 -31.31 -15.32
CA GLU A 73 25.80 -30.95 -16.48
C GLU A 73 24.35 -31.41 -16.32
N LYS A 74 24.12 -32.62 -15.80
CA LYS A 74 22.74 -33.06 -15.65
C LYS A 74 22.00 -32.21 -14.62
N LYS A 75 22.67 -31.87 -13.52
CA LYS A 75 22.04 -31.02 -12.50
C LYS A 75 21.69 -29.65 -13.07
N GLN A 76 22.65 -29.07 -13.81
CA GLN A 76 22.39 -27.80 -14.47
C GLN A 76 21.19 -27.89 -15.39
N GLN A 77 21.10 -28.98 -16.16
CA GLN A 77 19.97 -29.13 -17.06
C GLN A 77 18.68 -29.28 -16.28
N MET A 78 18.72 -30.01 -15.17
CA MET A 78 17.51 -30.16 -14.37
C MET A 78 17.08 -28.81 -13.83
N ALA A 79 18.05 -27.98 -13.40
CA ALA A 79 17.69 -26.66 -12.91
C ALA A 79 17.08 -25.80 -14.01
N ARG A 80 17.61 -25.90 -15.23
CA ARG A 80 17.06 -25.14 -16.35
C ARG A 80 15.63 -25.57 -16.62
N GLU A 81 15.39 -26.87 -16.68
CA GLU A 81 14.06 -27.35 -17.00
C GLU A 81 13.07 -26.99 -15.89
N TYR A 82 13.49 -27.06 -14.61
CA TYR A 82 12.61 -26.65 -13.54
C TYR A 82 12.33 -25.15 -13.58
N ARG A 83 13.36 -24.35 -13.84
CA ARG A 83 13.15 -22.93 -14.04
C ARG A 83 12.14 -22.68 -15.16
N GLU A 84 12.24 -23.42 -16.26
CA GLU A 84 11.32 -23.21 -17.36
C GLU A 84 9.88 -23.55 -16.97
N LYS A 85 9.69 -24.60 -16.17
CA LYS A 85 8.36 -24.99 -15.72
C LYS A 85 7.77 -23.91 -14.82
N ILE A 86 8.56 -23.43 -13.86
CA ILE A 86 8.11 -22.34 -12.99
C ILE A 86 7.80 -21.12 -13.82
N GLU A 87 8.69 -20.79 -14.77
CA GLU A 87 8.50 -19.62 -15.61
C GLU A 87 7.21 -19.70 -16.41
N THR A 88 6.83 -20.92 -16.84
CA THR A 88 5.59 -21.10 -17.57
C THR A 88 4.39 -20.84 -16.68
N GLU A 89 4.40 -21.34 -15.44
CA GLU A 89 3.37 -20.98 -14.49
C GLU A 89 3.29 -19.48 -14.33
N LEU A 90 4.44 -18.85 -14.12
CA LEU A 90 4.47 -17.42 -13.83
C LEU A 90 3.89 -16.64 -15.01
N ARG A 91 4.32 -16.98 -16.23
CA ARG A 91 3.77 -16.31 -17.42
C ARG A 91 2.28 -16.54 -17.55
N ASP A 92 1.80 -17.76 -17.27
CA ASP A 92 0.37 -18.03 -17.35
C ASP A 92 -0.42 -17.20 -16.35
N ILE A 93 0.13 -16.98 -15.15
CA ILE A 93 -0.55 -16.15 -14.16
C ILE A 93 -0.60 -14.69 -14.64
N CYS A 94 0.53 -14.16 -15.07
CA CYS A 94 0.56 -12.78 -15.54
C CYS A 94 -0.40 -12.59 -16.70
N ASN A 95 -0.42 -13.55 -17.64
CA ASN A 95 -1.29 -13.45 -18.80
C ASN A 95 -2.77 -13.44 -18.41
N ASP A 96 -3.12 -14.25 -17.42
CA ASP A 96 -4.50 -14.31 -16.95
C ASP A 96 -4.91 -12.98 -16.34
N VAL A 97 -4.03 -12.43 -15.49
CA VAL A 97 -4.28 -11.13 -14.85
C VAL A 97 -4.37 -10.04 -15.88
N LEU A 98 -3.46 -10.05 -16.85
CA LEU A 98 -3.46 -9.00 -17.86
C LEU A 98 -4.69 -9.10 -18.74
N SER A 99 -5.19 -10.32 -18.96
CA SER A 99 -6.42 -10.48 -19.71
C SER A 99 -7.63 -9.96 -18.94
N LEU A 100 -7.68 -10.22 -17.63
CA LEU A 100 -8.78 -9.69 -16.84
C LEU A 100 -8.78 -8.18 -16.88
N LEU A 101 -7.59 -7.59 -16.74
CA LEU A 101 -7.46 -6.14 -16.77
C LEU A 101 -7.94 -5.58 -18.10
N GLU A 102 -7.52 -6.20 -19.21
CA GLU A 102 -7.85 -5.72 -20.55
C GLU A 102 -9.31 -5.93 -20.91
N LYS A 103 -9.87 -7.08 -20.52
CA LYS A 103 -11.20 -7.47 -20.98
C LYS A 103 -12.30 -6.84 -20.12
N PHE A 104 -12.05 -6.67 -18.82
CA PHE A 104 -13.08 -6.28 -17.87
C PHE A 104 -12.73 -5.06 -17.03
N LEU A 105 -11.60 -5.14 -16.31
CA LEU A 105 -11.35 -4.21 -15.23
C LEU A 105 -11.06 -2.80 -15.73
N ILE A 106 -10.14 -2.65 -16.68
CA ILE A 106 -9.75 -1.30 -17.09
C ILE A 106 -10.90 -0.66 -17.88
N PRO A 107 -11.52 -1.33 -18.85
CA PRO A 107 -12.60 -0.66 -19.60
C PRO A 107 -13.74 -0.17 -18.72
N ASN A 108 -14.14 -0.96 -17.71
CA ASN A 108 -15.31 -0.65 -16.88
C ASN A 108 -15.01 0.28 -15.71
N ALA A 109 -13.75 0.65 -15.53
CA ALA A 109 -13.38 1.44 -14.36
C ALA A 109 -13.94 2.84 -14.54
N SER A 110 -14.82 3.25 -13.65
CA SER A 110 -15.49 4.53 -13.85
C SER A 110 -14.79 5.66 -13.11
N GLN A 111 -14.13 5.38 -11.99
CA GLN A 111 -13.53 6.43 -11.18
C GLN A 111 -12.02 6.42 -11.37
N ALA A 112 -11.41 7.60 -11.17
CA ALA A 112 -9.97 7.71 -11.31
C ALA A 112 -9.24 6.77 -10.35
N GLU A 113 -9.80 6.54 -9.16
CA GLU A 113 -9.12 5.70 -8.19
C GLU A 113 -8.93 4.29 -8.75
N SER A 114 -10.00 3.71 -9.29
CA SER A 114 -9.87 2.36 -9.82
C SER A 114 -9.09 2.34 -11.14
N LYS A 115 -9.17 3.38 -11.96
CA LYS A 115 -8.39 3.37 -13.21
C LYS A 115 -6.91 3.33 -12.92
N VAL A 116 -6.46 4.14 -11.96
CA VAL A 116 -5.05 4.16 -11.58
C VAL A 116 -4.68 2.83 -10.98
N PHE A 117 -5.56 2.29 -10.12
CA PHE A 117 -5.26 1.01 -9.51
C PHE A 117 -5.02 -0.07 -10.54
N TYR A 118 -5.90 -0.13 -11.56
CA TYR A 118 -5.82 -1.22 -12.55
C TYR A 118 -4.72 -0.97 -13.54
N LEU A 119 -4.50 0.28 -13.94
CA LEU A 119 -3.37 0.56 -14.84
C LEU A 119 -2.03 0.34 -14.12
N LYS A 120 -1.94 0.63 -12.82
CA LYS A 120 -0.74 0.24 -12.08
C LYS A 120 -0.58 -1.28 -12.09
N MET A 121 -1.68 -1.99 -11.88
CA MET A 121 -1.63 -3.45 -11.89
C MET A 121 -1.15 -3.95 -13.22
N LYS A 122 -1.66 -3.34 -14.30
CA LYS A 122 -1.16 -3.69 -15.62
C LYS A 122 0.34 -3.46 -15.76
N GLY A 123 0.87 -2.35 -15.25
CA GLY A 123 2.29 -2.12 -15.30
C GLY A 123 3.04 -3.17 -14.51
N ASP A 124 2.49 -3.54 -13.37
CA ASP A 124 3.13 -4.51 -12.49
C ASP A 124 3.25 -5.89 -13.18
N TYR A 125 2.16 -6.39 -13.79
CA TYR A 125 2.24 -7.75 -14.28
C TYR A 125 2.99 -7.81 -15.60
N TYR A 126 3.01 -6.73 -16.37
CA TYR A 126 3.96 -6.69 -17.48
C TYR A 126 5.40 -6.58 -16.97
N ARG A 127 5.61 -5.90 -15.83
CA ARG A 127 6.96 -5.86 -15.29
C ARG A 127 7.37 -7.24 -14.83
N TYR A 128 6.44 -8.00 -14.27
CA TYR A 128 6.82 -9.35 -13.84
C TYR A 128 7.14 -10.22 -15.04
N LEU A 129 6.44 -10.02 -16.17
CA LEU A 129 6.85 -10.72 -17.37
C LEU A 129 8.22 -10.25 -17.81
N ALA A 130 8.51 -8.97 -17.68
CA ALA A 130 9.79 -8.47 -18.13
C ALA A 130 10.94 -8.99 -17.28
N GLU A 131 10.68 -9.33 -16.01
CA GLU A 131 11.70 -9.90 -15.15
C GLU A 131 12.26 -11.21 -15.70
N VAL A 132 11.47 -11.95 -16.47
CA VAL A 132 11.88 -13.27 -16.94
C VAL A 132 12.06 -13.32 -18.45
N ALA A 133 11.61 -12.31 -19.19
CA ALA A 133 11.64 -12.38 -20.64
C ALA A 133 13.06 -12.20 -21.18
N ALA A 134 13.51 -13.17 -21.94
CA ALA A 134 14.79 -13.07 -22.63
C ALA A 134 14.56 -12.77 -24.10
N GLY A 135 13.57 -13.42 -24.69
C GLY A 135 13.58 -11.64 -27.02
N ASP A 136 12.71 -12.04 -27.96
CA ASP A 136 12.17 -11.11 -28.94
C ASP A 136 10.91 -10.44 -28.44
N ASP A 137 10.33 -10.97 -27.37
CA ASP A 137 9.10 -10.42 -26.82
C ASP A 137 9.38 -9.38 -25.74
N LYS A 138 10.63 -9.29 -25.29
CA LYS A 138 10.93 -8.45 -24.14
C LYS A 138 10.64 -6.99 -24.43
N LYS A 139 11.06 -6.49 -25.60
CA LYS A 139 10.89 -5.07 -25.86
C LYS A 139 9.41 -4.69 -25.83
N GLY A 140 8.54 -5.52 -26.40
CA GLY A 140 7.13 -5.22 -26.37
C GLY A 140 6.54 -5.27 -24.98
N ILE A 141 7.02 -6.20 -24.17
CA ILE A 141 6.53 -6.35 -22.81
C ILE A 141 6.92 -5.12 -21.99
N VAL A 142 8.16 -4.66 -22.16
CA VAL A 142 8.64 -3.50 -21.43
C VAL A 142 7.87 -2.26 -21.86
N ASP A 143 7.62 -2.13 -23.17
CA ASP A 143 6.88 -0.96 -23.64
C ASP A 143 5.47 -0.94 -23.06
N GLN A 144 4.82 -2.11 -22.98
CA GLN A 144 3.50 -2.18 -22.37
C GLN A 144 3.54 -1.78 -20.90
N SER A 145 4.53 -2.27 -20.15
CA SER A 145 4.67 -1.88 -18.75
C SER A 145 4.83 -0.38 -18.62
N GLN A 146 5.72 0.21 -19.42
CA GLN A 146 5.98 1.63 -19.28
C GLN A 146 4.72 2.43 -19.59
N GLN A 147 3.99 2.03 -20.62
CA GLN A 147 2.85 2.81 -21.05
C GLN A 147 1.73 2.72 -20.02
N ALA A 148 1.50 1.53 -19.44
CA ALA A 148 0.48 1.39 -18.41
C ALA A 148 0.83 2.21 -17.17
N TYR A 149 2.09 2.14 -16.71
CA TYR A 149 2.52 2.97 -15.59
C TYR A 149 2.33 4.44 -15.91
N GLN A 150 2.74 4.88 -17.12
CA GLN A 150 2.63 6.30 -17.43
C GLN A 150 1.19 6.76 -17.46
N GLU A 151 0.28 5.94 -18.01
CA GLU A 151 -1.13 6.28 -18.04
C GLU A 151 -1.63 6.42 -16.60
N ALA A 152 -1.26 5.48 -15.74
CA ALA A 152 -1.67 5.56 -14.34
C ALA A 152 -1.10 6.79 -13.67
N PHE A 153 0.16 7.09 -13.99
CA PHE A 153 0.89 8.21 -13.39
C PHE A 153 0.21 9.53 -13.72
N GLU A 154 -0.21 9.70 -14.98
CA GLU A 154 -0.81 10.96 -15.37
C GLU A 154 -2.18 11.15 -14.73
N ILE A 155 -2.98 10.09 -14.63
CA ILE A 155 -4.26 10.21 -13.99
C ILE A 155 -4.05 10.56 -12.52
N SER A 156 -3.13 9.86 -11.88
CA SER A 156 -2.94 10.02 -10.45
C SER A 156 -2.42 11.40 -10.12
N LYS A 157 -1.67 12.02 -11.03
CA LYS A 157 -1.13 13.35 -10.77
C LYS A 157 -2.24 14.36 -10.81
N LYS A 158 -3.28 14.08 -11.58
CA LYS A 158 -4.35 15.05 -11.73
C LYS A 158 -5.48 14.85 -10.74
N GLU A 159 -5.70 13.61 -10.28
CA GLU A 159 -6.91 13.25 -9.57
C GLU A 159 -6.71 12.73 -8.16
N MET A 160 -5.46 12.58 -7.70
CA MET A 160 -5.24 12.01 -6.37
C MET A 160 -4.27 12.90 -5.64
N GLN A 161 -4.42 12.91 -4.31
CA GLN A 161 -3.50 13.69 -3.49
C GLN A 161 -2.15 12.99 -3.48
N PRO A 162 -1.07 13.74 -3.31
CA PRO A 162 0.24 13.11 -3.28
C PRO A 162 0.41 12.13 -2.17
N THR A 163 -0.37 12.20 -1.09
CA THR A 163 -0.25 11.24 -0.01
C THR A 163 -1.10 10.00 -0.22
N HIS A 164 -1.85 9.93 -1.32
CA HIS A 164 -2.76 8.81 -1.49
C HIS A 164 -1.94 7.53 -1.63
N PRO A 165 -2.21 6.48 -0.85
CA PRO A 165 -1.35 5.28 -0.94
C PRO A 165 -1.24 4.71 -2.34
N ILE A 166 -2.30 4.79 -3.15
CA ILE A 166 -2.20 4.25 -4.49
C ILE A 166 -1.28 5.09 -5.35
N ARG A 167 -1.33 6.43 -5.19
CA ARG A 167 -0.41 7.27 -5.94
C ARG A 167 1.03 7.03 -5.49
N LEU A 168 1.26 6.87 -4.18
CA LEU A 168 2.59 6.58 -3.68
C LEU A 168 3.09 5.22 -4.14
N GLY A 169 2.21 4.22 -4.09
CA GLY A 169 2.58 2.87 -4.50
C GLY A 169 2.85 2.76 -5.98
N LEU A 170 2.10 3.50 -6.79
CA LEU A 170 2.41 3.61 -8.21
C LEU A 170 3.80 4.21 -8.42
N ALA A 171 4.08 5.33 -7.77
CA ALA A 171 5.40 5.91 -7.92
C ALA A 171 6.50 4.94 -7.50
N LEU A 172 6.26 4.24 -6.40
CA LEU A 172 7.20 3.22 -5.95
C LEU A 172 7.44 2.19 -7.03
N ASN A 173 6.36 1.58 -7.57
CA ASN A 173 6.58 0.50 -8.51
C ASN A 173 7.12 0.99 -9.85
N PHE A 174 6.65 2.15 -10.28
CA PHE A 174 7.17 2.73 -11.51
C PHE A 174 8.66 3.05 -11.39
N SER A 175 9.11 3.56 -10.21
CA SER A 175 10.53 3.78 -10.00
C SER A 175 11.30 2.47 -10.05
N VAL A 176 10.69 1.39 -9.57
CA VAL A 176 11.36 0.09 -9.60
C VAL A 176 11.48 -0.36 -11.04
N PHE A 177 10.43 -0.13 -11.83
CA PHE A 177 10.47 -0.46 -13.24
C PHE A 177 11.65 0.26 -13.91
N TYR A 178 11.78 1.56 -13.68
CA TYR A 178 12.89 2.29 -14.27
C TYR A 178 14.25 1.72 -13.83
N TYR A 179 14.41 1.39 -12.54
CA TYR A 179 15.70 0.94 -12.01
C TYR A 179 16.05 -0.46 -12.50
N GLU A 180 15.09 -1.37 -12.38
CA GLU A 180 15.36 -2.80 -12.58
C GLU A 180 15.19 -3.23 -14.02
N ILE A 181 14.20 -2.70 -14.70
CA ILE A 181 13.84 -3.15 -16.03
C ILE A 181 14.50 -2.29 -17.09
N LEU A 182 14.41 -0.98 -16.95
CA LEU A 182 15.03 -0.09 -17.93
C LEU A 182 16.46 0.33 -17.59
N ASN A 183 16.97 -0.07 -16.43
CA ASN A 183 18.35 0.20 -16.05
C ASN A 183 18.61 1.70 -16.09
N SER A 184 17.66 2.46 -15.55
CA SER A 184 17.64 3.91 -15.70
C SER A 184 17.59 4.48 -14.29
N PRO A 185 18.70 4.36 -13.55
CA PRO A 185 18.67 4.70 -12.13
C PRO A 185 18.37 6.16 -11.89
N GLU A 186 18.73 7.05 -12.83
CA GLU A 186 18.50 8.47 -12.63
C GLU A 186 17.01 8.79 -12.66
N LYS A 187 16.28 8.23 -13.64
CA LYS A 187 14.84 8.39 -13.70
C LYS A 187 14.18 7.71 -12.52
N ALA A 188 14.70 6.58 -12.09
CA ALA A 188 14.11 5.89 -10.94
C ALA A 188 14.22 6.76 -9.70
N CYS A 189 15.41 7.34 -9.47
CA CYS A 189 15.60 8.19 -8.28
C CYS A 189 14.74 9.44 -8.35
N SER A 190 14.63 10.03 -9.54
CA SER A 190 13.81 11.23 -9.68
C SER A 190 12.36 10.97 -9.33
N LEU A 191 11.79 9.84 -9.84
CA LEU A 191 10.40 9.54 -9.60
C LEU A 191 10.13 9.28 -8.13
N ALA A 192 11.05 8.56 -7.49
CA ALA A 192 10.89 8.22 -6.08
C ALA A 192 11.08 9.44 -5.19
N LYS A 193 12.06 10.28 -5.50
CA LYS A 193 12.33 11.42 -4.63
C LYS A 193 11.22 12.45 -4.74
N THR A 194 10.72 12.67 -5.97
CA THR A 194 9.68 13.67 -6.12
C THR A 194 8.39 13.20 -5.48
N ALA A 195 8.04 11.93 -5.64
CA ALA A 195 6.84 11.44 -5.00
C ALA A 195 6.94 11.51 -3.48
N PHE A 196 8.10 11.15 -2.95
CA PHE A 196 8.31 11.27 -1.51
C PHE A 196 8.17 12.72 -1.07
N ASP A 197 8.77 13.65 -1.81
CA ASP A 197 8.79 15.04 -1.36
C ASP A 197 7.41 15.67 -1.54
N GLU A 198 6.67 15.27 -2.58
CA GLU A 198 5.33 15.83 -2.73
C GLU A 198 4.43 15.40 -1.58
N ALA A 199 4.63 14.19 -1.06
CA ALA A 199 3.80 13.67 0.02
C ALA A 199 4.17 14.30 1.35
N ILE A 200 5.47 14.50 1.58
CA ILE A 200 5.96 15.11 2.82
C ILE A 200 5.09 16.33 3.10
N ALA A 201 4.89 17.13 2.05
CA ALA A 201 4.27 18.43 2.20
C ALA A 201 2.96 18.36 2.97
N GLU A 202 2.27 17.21 2.94
CA GLU A 202 0.87 17.14 3.33
C GLU A 202 0.57 16.09 4.38
N LEU A 203 1.58 15.40 4.90
CA LEU A 203 1.36 14.42 5.95
C LEU A 203 0.68 15.04 7.16
N ASP A 204 0.92 16.33 7.39
CA ASP A 204 0.39 17.05 8.55
C ASP A 204 -1.12 17.02 8.60
N THR A 205 -1.77 16.83 7.46
CA THR A 205 -3.21 16.91 7.35
C THR A 205 -3.91 15.59 7.62
N LEU A 206 -3.17 14.50 7.76
CA LEU A 206 -3.77 13.17 7.73
C LEU A 206 -4.12 12.69 9.13
N SER A 207 -5.12 11.82 9.21
CA SER A 207 -5.40 11.09 10.43
C SER A 207 -4.23 10.16 10.75
N GLU A 208 -4.30 9.56 11.93
CA GLU A 208 -3.26 8.61 12.33
C GLU A 208 -3.19 7.45 11.36
N GLU A 209 -4.34 6.87 11.00
CA GLU A 209 -4.32 5.69 10.14
C GLU A 209 -3.84 6.04 8.74
N SER A 210 -4.30 7.17 8.21
CA SER A 210 -3.90 7.54 6.86
C SER A 210 -2.43 7.91 6.83
N TYR A 211 -1.95 8.54 7.90
CA TYR A 211 -0.54 8.86 8.06
C TYR A 211 0.31 7.59 8.02
N LYS A 212 -0.14 6.56 8.74
CA LYS A 212 0.59 5.30 8.74
C LYS A 212 0.58 4.67 7.37
N ASP A 213 -0.59 4.70 6.70
CA ASP A 213 -0.73 4.18 5.36
C ASP A 213 0.28 4.81 4.41
N SER A 214 0.34 6.14 4.41
CA SER A 214 1.21 6.86 3.50
C SER A 214 2.67 6.67 3.87
N THR A 215 2.99 6.75 5.16
CA THR A 215 4.39 6.70 5.51
C THR A 215 4.98 5.31 5.34
N LEU A 216 4.16 4.26 5.35
CA LEU A 216 4.70 2.94 5.06
C LEU A 216 5.27 2.90 3.66
N ILE A 217 4.54 3.46 2.69
CA ILE A 217 5.04 3.44 1.33
C ILE A 217 6.18 4.41 1.18
N MET A 218 6.10 5.55 1.88
CA MET A 218 7.22 6.49 1.81
C MET A 218 8.51 5.87 2.33
N GLN A 219 8.43 5.03 3.39
CA GLN A 219 9.62 4.37 3.89
C GLN A 219 10.25 3.50 2.82
N LEU A 220 9.42 2.84 2.01
CA LEU A 220 9.96 1.97 0.96
C LEU A 220 10.61 2.79 -0.12
N LEU A 221 10.04 3.95 -0.42
CA LEU A 221 10.66 4.86 -1.36
C LEU A 221 12.02 5.29 -0.87
N ARG A 222 12.09 5.73 0.40
CA ARG A 222 13.38 6.13 0.97
C ARG A 222 14.35 4.95 0.98
N ASP A 223 13.85 3.76 1.27
CA ASP A 223 14.73 2.60 1.37
C ASP A 223 15.35 2.29 0.01
N ASN A 224 14.56 2.37 -1.06
CA ASN A 224 15.13 2.17 -2.38
C ASN A 224 16.10 3.29 -2.72
N LEU A 225 15.73 4.55 -2.43
CA LEU A 225 16.64 5.66 -2.73
C LEU A 225 17.98 5.49 -2.05
N THR A 226 17.96 5.01 -0.81
CA THR A 226 19.20 4.76 -0.08
C THR A 226 20.01 3.65 -0.73
N LEU A 227 19.35 2.54 -1.06
CA LEU A 227 20.00 1.46 -1.78
C LEU A 227 20.59 1.96 -3.08
N TRP A 228 19.81 2.68 -3.88
CA TRP A 228 20.22 3.00 -5.24
C TRP A 228 21.34 4.04 -5.28
N THR A 229 21.51 4.84 -4.23
CA THR A 229 22.50 5.92 -4.24
C THR A 229 23.72 5.59 -3.38
N SER A 230 23.94 4.31 -3.09
CA SER A 230 25.14 3.91 -2.34
C SER A 230 26.19 3.34 -3.28
N SER B 5 15.11 -4.51 -4.79
CA SER B 5 14.29 -3.29 -4.64
C SER B 5 12.97 -3.63 -3.96
N TYR B 6 12.46 -2.71 -3.14
CA TYR B 6 11.14 -2.91 -2.56
C TYR B 6 10.07 -2.44 -3.51
N SER B 8 5.50 -2.24 -3.91
CA SER B 8 4.40 -1.90 -3.05
C SER B 8 3.73 -3.12 -2.44
N PRO B 9 3.42 -3.09 -1.17
CA PRO B 9 2.53 -4.14 -0.64
C PRO B 9 1.09 -3.83 -1.01
N ASP B 10 0.13 -4.60 -0.50
CA ASP B 10 -1.27 -4.28 -0.71
C ASP B 10 -1.78 -3.34 0.38
N ILE B 11 -2.94 -2.75 0.12
CA ILE B 11 -3.67 -2.01 1.14
C ILE B 11 -5.09 -2.56 1.15
N ASP C 2 21.30 17.93 34.47
CA ASP C 2 19.89 17.60 34.30
C ASP C 2 19.71 16.58 33.18
N LYS C 3 19.14 15.43 33.54
CA LYS C 3 19.08 14.28 32.65
C LYS C 3 17.97 14.41 31.63
N ASN C 4 16.82 14.92 32.03
CA ASN C 4 15.75 15.12 31.07
C ASN C 4 16.20 16.04 29.95
N GLU C 5 16.91 17.11 30.31
CA GLU C 5 17.43 18.04 29.33
C GLU C 5 18.38 17.35 28.37
N LEU C 6 19.31 16.55 28.90
CA LEU C 6 20.26 15.86 28.04
C LEU C 6 19.56 14.87 27.12
N VAL C 7 18.57 14.14 27.62
CA VAL C 7 17.82 13.21 26.77
C VAL C 7 17.08 13.98 25.68
N GLN C 8 16.47 15.11 26.04
CA GLN C 8 15.79 15.88 25.01
C GLN C 8 16.76 16.38 23.96
N LYS C 9 17.95 16.82 24.39
CA LYS C 9 18.94 17.25 23.41
C LYS C 9 19.42 16.07 22.57
N ALA C 10 19.57 14.90 23.19
CA ALA C 10 19.97 13.74 22.38
C ALA C 10 18.93 13.44 21.33
N LYS C 11 17.65 13.60 21.66
CA LYS C 11 16.58 13.33 20.69
C LYS C 11 16.60 14.32 19.55
N LEU C 12 16.86 15.58 19.85
CA LEU C 12 17.00 16.59 18.82
C LEU C 12 18.18 16.27 17.94
N ALA C 13 19.31 15.93 18.55
CA ALA C 13 20.51 15.56 17.79
C ALA C 13 20.24 14.36 16.90
N GLU C 14 19.50 13.37 17.40
CA GLU C 14 19.15 12.23 16.55
C GLU C 14 18.36 12.67 15.34
N GLN C 15 17.33 13.49 15.54
CA GLN C 15 16.53 13.93 14.41
C GLN C 15 17.36 14.72 13.41
N ALA C 16 18.33 15.52 13.91
CA ALA C 16 19.22 16.32 13.08
C ALA C 16 20.35 15.52 12.46
N GLU C 17 20.41 14.21 12.76
CA GLU C 17 21.49 13.32 12.29
C GLU C 17 22.87 13.83 12.71
N ARG C 18 22.95 14.38 13.91
CA ARG C 18 24.20 14.84 14.50
C ARG C 18 24.59 13.86 15.60
N TYR C 19 25.15 12.73 15.18
CA TYR C 19 25.28 11.61 16.09
C TYR C 19 26.44 11.81 17.04
N ASP C 20 27.46 12.57 16.65
CA ASP C 20 28.49 12.87 17.64
C ASP C 20 27.86 13.64 18.80
N ASP C 21 27.07 14.68 18.50
CA ASP C 21 26.35 15.41 19.56
C ASP C 21 25.50 14.46 20.40
N MET C 22 24.72 13.61 19.73
CA MET C 22 23.83 12.69 20.43
C MET C 22 24.61 11.79 21.37
N ALA C 23 25.72 11.24 20.89
CA ALA C 23 26.50 10.39 21.76
C ALA C 23 27.04 11.14 22.96
N ALA C 24 27.48 12.39 22.77
CA ALA C 24 27.99 13.12 23.93
C ALA C 24 26.90 13.28 24.99
N CYS C 25 25.66 13.54 24.56
CA CYS C 25 24.55 13.67 25.48
C CYS C 25 24.35 12.38 26.25
N MET C 26 24.36 11.24 25.54
CA MET C 26 23.97 10.01 26.20
C MET C 26 25.10 9.47 27.08
N LYS C 27 26.34 9.72 26.69
CA LYS C 27 27.48 9.53 27.59
C LYS C 27 27.29 10.29 28.88
N SER C 28 26.95 11.58 28.78
CA SER C 28 26.81 12.38 30.00
C SER C 28 25.69 11.83 30.87
N VAL C 29 24.58 11.44 30.25
CA VAL C 29 23.51 10.80 31.03
C VAL C 29 24.04 9.57 31.75
N THR C 30 24.77 8.72 31.03
CA THR C 30 25.27 7.49 31.62
C THR C 30 26.23 7.79 32.75
N GLU C 31 27.10 8.78 32.57
CA GLU C 31 28.10 9.08 33.59
C GLU C 31 27.52 9.60 34.89
N GLN C 32 26.27 10.08 34.89
CA GLN C 32 25.63 10.49 36.13
C GLN C 32 25.40 9.31 37.08
N GLY C 33 25.49 8.07 36.58
CA GLY C 33 25.53 6.91 37.43
C GLY C 33 24.21 6.23 37.70
N ALA C 34 23.09 6.80 37.23
CA ALA C 34 21.80 6.15 37.40
C ALA C 34 21.53 5.15 36.28
N GLU C 35 20.75 4.12 36.61
CA GLU C 35 20.35 3.12 35.62
C GLU C 35 19.54 3.76 34.50
N LEU C 36 19.83 3.35 33.27
CA LEU C 36 19.17 3.90 32.10
C LEU C 36 17.81 3.26 31.89
N SER C 37 16.82 4.09 31.59
CA SER C 37 15.57 3.60 31.05
C SER C 37 15.81 2.92 29.70
N ASN C 38 14.86 2.07 29.30
CA ASN C 38 14.98 1.45 27.99
C ASN C 38 15.11 2.51 26.91
N GLU C 39 14.39 3.63 27.06
CA GLU C 39 14.51 4.71 26.10
C GLU C 39 15.92 5.28 26.08
N GLU C 40 16.49 5.53 27.25
CA GLU C 40 17.83 6.09 27.28
C GLU C 40 18.86 5.08 26.81
N ARG C 41 18.64 3.81 27.11
CA ARG C 41 19.48 2.73 26.63
C ARG C 41 19.51 2.67 25.11
N ASN C 42 18.33 2.71 24.49
CA ASN C 42 18.26 2.66 23.04
C ASN C 42 18.89 3.89 22.43
N LEU C 43 18.70 5.06 23.06
CA LEU C 43 19.31 6.27 22.53
C LEU C 43 20.83 6.21 22.59
N LEU C 44 21.37 5.76 23.72
CA LEU C 44 22.81 5.54 23.83
C LEU C 44 23.31 4.62 22.74
N SER C 45 22.60 3.51 22.50
CA SER C 45 23.01 2.53 21.51
C SER C 45 22.95 3.10 20.10
N VAL C 46 21.86 3.77 19.76
CA VAL C 46 21.74 4.38 18.43
C VAL C 46 22.87 5.37 18.20
N ALA C 47 23.12 6.23 19.18
CA ALA C 47 24.13 7.26 19.04
C ALA C 47 25.48 6.66 18.71
N TYR C 48 25.92 5.73 19.55
CA TYR C 48 27.25 5.18 19.37
C TYR C 48 27.31 4.23 18.17
N LYS C 49 26.21 3.59 17.83
CA LYS C 49 26.26 2.73 16.64
C LYS C 49 26.62 3.57 15.42
N ASN C 50 25.96 4.72 15.28
CA ASN C 50 26.20 5.58 14.13
C ASN C 50 27.55 6.27 14.21
N VAL C 51 27.97 6.69 15.40
CA VAL C 51 29.28 7.30 15.57
C VAL C 51 30.40 6.33 15.17
N VAL C 52 30.38 5.13 15.74
CA VAL C 52 31.41 4.14 15.43
C VAL C 52 31.24 3.65 14.00
N GLY C 53 30.00 3.51 13.55
CA GLY C 53 29.75 3.01 12.22
C GLY C 53 30.39 3.89 11.17
N ALA C 54 30.29 5.23 11.34
CA ALA C 54 30.95 6.12 10.41
C ALA C 54 32.45 5.84 10.35
N ARG C 55 33.07 5.62 11.51
CA ARG C 55 34.51 5.43 11.52
C ARG C 55 34.85 4.08 10.93
N ARG C 56 34.01 3.06 11.19
CA ARG C 56 34.26 1.73 10.64
C ARG C 56 34.17 1.76 9.12
N SER C 57 33.20 2.48 8.59
CA SER C 57 33.04 2.58 7.15
C SER C 57 34.24 3.30 6.54
N SER C 58 34.64 4.43 7.12
CA SER C 58 35.80 5.13 6.59
C SER C 58 37.03 4.27 6.68
N TRP C 59 37.18 3.57 7.80
CA TRP C 59 38.34 2.73 8.01
C TRP C 59 38.43 1.65 6.94
N ARG C 60 37.30 0.99 6.66
CA ARG C 60 37.32 -0.06 5.65
C ARG C 60 37.75 0.46 4.28
N VAL C 61 37.24 1.64 3.88
CA VAL C 61 37.63 2.23 2.60
C VAL C 61 39.12 2.55 2.57
N VAL C 62 39.61 3.23 3.61
CA VAL C 62 40.99 3.69 3.57
C VAL C 62 41.93 2.50 3.73
N SER C 63 41.59 1.53 4.59
CA SER C 63 42.46 0.37 4.74
C SER C 63 42.53 -0.39 3.43
N SER C 64 41.40 -0.52 2.74
CA SER C 64 41.37 -1.21 1.45
C SER C 64 42.33 -0.55 0.46
N ILE C 65 42.30 0.78 0.37
CA ILE C 65 43.22 1.53 -0.48
C ILE C 65 44.66 1.32 -0.03
N GLU C 66 44.91 1.44 1.27
CA GLU C 66 46.25 1.25 1.79
C GLU C 66 46.79 -0.13 1.45
N GLN C 67 45.94 -1.16 1.57
CA GLN C 67 46.41 -2.54 1.46
C GLN C 67 46.48 -3.02 0.01
N LYS C 68 45.65 -2.47 -0.88
CA LYS C 68 45.54 -3.03 -2.22
C LYS C 68 46.44 -2.31 -3.23
N THR C 69 46.97 -1.14 -2.90
CA THR C 69 47.62 -0.27 -3.86
C THR C 69 49.15 -0.30 -3.68
N GLU C 70 49.85 0.17 -4.72
CA GLU C 70 51.31 0.18 -4.77
C GLU C 70 51.83 1.57 -5.09
N ALA C 72 53.63 4.15 -5.42
CA ALA C 72 54.24 5.30 -4.79
C ALA C 72 54.55 5.01 -3.32
N GLU C 73 55.53 5.71 -2.77
CA GLU C 73 55.89 5.55 -1.37
C GLU C 73 55.27 6.67 -0.53
C LYS C 75 50.23 6.96 -0.22
N GLN C 76 51.19 6.03 -0.25
CA GLN C 76 51.16 4.91 0.67
C GLN C 76 51.41 5.37 2.11
N GLN C 77 52.38 6.24 2.32
CA GLN C 77 52.51 6.84 3.64
C GLN C 77 51.25 7.64 3.97
N MET C 78 50.67 8.25 2.95
CA MET C 78 49.47 9.05 3.08
C MET C 78 48.33 8.25 3.67
N ALA C 79 47.92 7.20 2.96
CA ALA C 79 46.74 6.44 3.34
C ALA C 79 46.95 5.70 4.65
N ARG C 80 48.16 5.16 4.87
CA ARG C 80 48.46 4.54 6.15
C ARG C 80 48.27 5.54 7.29
N GLU C 81 48.78 6.76 7.12
CA GLU C 81 48.63 7.77 8.14
C GLU C 81 47.16 8.12 8.37
N TYR C 82 46.39 8.22 7.28
CA TYR C 82 44.96 8.53 7.41
C TYR C 82 44.22 7.39 8.06
N ARG C 83 44.53 6.16 7.65
CA ARG C 83 43.94 4.99 8.29
C ARG C 83 44.24 4.99 9.78
N GLU C 84 45.49 5.31 10.15
CA GLU C 84 45.86 5.31 11.56
C GLU C 84 45.05 6.35 12.33
N LYS C 85 44.87 7.54 11.74
CA LYS C 85 44.07 8.59 12.37
C LYS C 85 42.63 8.11 12.60
N ILE C 86 42.01 7.55 11.57
CA ILE C 86 40.64 7.07 11.69
C ILE C 86 40.57 5.96 12.72
N GLU C 87 41.54 5.06 12.69
CA GLU C 87 41.57 3.97 13.65
C GLU C 87 41.73 4.49 15.07
N THR C 88 42.53 5.56 15.27
CA THR C 88 42.61 6.11 16.61
C THR C 88 41.24 6.64 17.07
N GLU C 89 40.50 7.31 16.17
CA GLU C 89 39.16 7.74 16.53
C GLU C 89 38.27 6.56 16.84
N LEU C 90 38.35 5.52 16.02
CA LEU C 90 37.46 4.38 16.19
C LEU C 90 37.76 3.70 17.52
N ARG C 91 39.05 3.58 17.86
CA ARG C 91 39.43 2.96 19.12
C ARG C 91 39.01 3.80 20.31
N ASP C 92 39.25 5.10 20.26
CA ASP C 92 38.77 5.99 21.31
C ASP C 92 37.28 5.85 21.54
N ILE C 93 36.49 5.78 20.45
CA ILE C 93 35.04 5.58 20.58
C ILE C 93 34.75 4.26 21.26
N CYS C 94 35.34 3.17 20.76
CA CYS C 94 35.07 1.87 21.35
C CYS C 94 35.48 1.83 22.81
N ASN C 95 36.62 2.42 23.14
CA ASN C 95 37.07 2.44 24.54
C ASN C 95 36.11 3.22 25.41
N ASP C 96 35.58 4.34 24.90
CA ASP C 96 34.58 5.09 25.66
C ASP C 96 33.36 4.24 26.00
N VAL C 97 32.83 3.55 24.99
CA VAL C 97 31.64 2.72 25.17
C VAL C 97 31.94 1.59 26.14
N LEU C 98 33.09 0.94 25.95
CA LEU C 98 33.43 -0.18 26.81
C LEU C 98 33.61 0.29 28.24
N SER C 99 34.14 1.50 28.43
CA SER C 99 34.32 2.02 29.77
C SER C 99 32.97 2.33 30.41
N LEU C 100 32.04 2.89 29.64
CA LEU C 100 30.69 3.14 30.19
C LEU C 100 30.04 1.83 30.56
N LEU C 101 30.23 0.80 29.75
CA LEU C 101 29.60 -0.47 30.05
C LEU C 101 30.14 -1.02 31.36
N GLU C 102 31.44 -0.94 31.55
CA GLU C 102 32.04 -1.54 32.75
C GLU C 102 31.83 -0.68 33.99
N LYS C 103 31.85 0.65 33.86
CA LYS C 103 31.76 1.49 35.05
C LYS C 103 30.33 1.65 35.55
N PHE C 104 29.36 1.70 34.62
CA PHE C 104 27.96 1.97 34.95
C PHE C 104 27.01 0.88 34.48
N LEU C 105 26.97 0.62 33.17
CA LEU C 105 25.82 -0.05 32.60
C LEU C 105 25.70 -1.49 33.08
N ILE C 106 26.80 -2.24 33.07
CA ILE C 106 26.69 -3.66 33.39
C ILE C 106 26.51 -3.79 34.90
N PRO C 107 27.25 -3.03 35.72
CA PRO C 107 27.00 -3.07 37.18
C PRO C 107 25.57 -2.82 37.60
N ASN C 108 24.88 -1.88 36.96
CA ASN C 108 23.51 -1.55 37.34
C ASN C 108 22.48 -2.40 36.60
N ALA C 109 22.91 -3.46 35.93
CA ALA C 109 22.01 -4.37 35.25
C ALA C 109 21.84 -5.63 36.08
N SER C 110 20.64 -5.82 36.65
CA SER C 110 20.28 -7.12 37.22
C SER C 110 18.93 -7.61 36.72
N GLN C 111 18.35 -6.98 35.69
CA GLN C 111 17.26 -7.56 34.93
C GLN C 111 17.87 -8.27 33.73
N ALA C 112 17.54 -9.56 33.55
CA ALA C 112 18.15 -10.35 32.48
C ALA C 112 18.23 -9.60 31.16
N GLU C 113 17.16 -8.90 30.79
CA GLU C 113 17.10 -8.29 29.47
C GLU C 113 18.17 -7.21 29.31
N SER C 114 18.29 -6.33 30.29
CA SER C 114 19.32 -5.29 30.16
C SER C 114 20.71 -5.89 30.28
N LYS C 115 20.88 -6.93 31.09
CA LYS C 115 22.18 -7.60 31.16
C LYS C 115 22.59 -8.11 29.78
N VAL C 116 21.67 -8.83 29.13
CA VAL C 116 21.90 -9.30 27.78
C VAL C 116 22.16 -8.13 26.86
N PHE C 117 21.41 -7.03 27.03
CA PHE C 117 21.55 -5.88 26.14
C PHE C 117 22.96 -5.30 26.25
N TYR C 118 23.45 -5.16 27.46
CA TYR C 118 24.75 -4.53 27.68
C TYR C 118 25.89 -5.50 27.39
N LEU C 119 25.73 -6.78 27.73
CA LEU C 119 26.76 -7.75 27.37
C LEU C 119 26.86 -7.92 25.85
N LYS C 120 25.73 -7.88 25.15
CA LYS C 120 25.79 -7.87 23.68
C LYS C 120 26.57 -6.66 23.21
N MET C 121 26.28 -5.50 23.78
CA MET C 121 26.97 -4.28 23.37
C MET C 121 28.46 -4.41 23.62
N LYS C 122 28.83 -5.02 24.76
CA LYS C 122 30.24 -5.21 25.07
C LYS C 122 30.90 -6.12 24.03
N GLY C 123 30.22 -7.18 23.64
CA GLY C 123 30.76 -8.02 22.58
C GLY C 123 30.85 -7.28 21.26
N ASP C 124 29.88 -6.42 20.97
CA ASP C 124 29.87 -5.65 19.74
C ASP C 124 31.09 -4.73 19.66
N TYR C 125 31.35 -3.96 20.72
CA TYR C 125 32.42 -2.97 20.61
C TYR C 125 33.78 -3.61 20.72
N TYR C 126 33.91 -4.75 21.41
CA TYR C 126 35.15 -5.50 21.26
C TYR C 126 35.27 -6.09 19.86
N ARG C 127 34.16 -6.50 19.25
CA ARG C 127 34.26 -6.98 17.87
C ARG C 127 34.73 -5.85 16.94
N TYR C 128 34.21 -4.63 17.14
CA TYR C 128 34.69 -3.50 16.33
C TYR C 128 36.17 -3.25 16.56
N LEU C 129 36.65 -3.44 17.78
CA LEU C 129 38.09 -3.34 17.97
C LEU C 129 38.81 -4.48 17.26
N ALA C 130 38.17 -5.65 17.19
CA ALA C 130 38.85 -6.80 16.60
C ALA C 130 38.95 -6.66 15.10
N GLU C 131 38.06 -5.88 14.48
CA GLU C 131 38.09 -5.67 13.04
C GLU C 131 39.36 -4.94 12.61
N VAL C 132 39.94 -4.16 13.50
CA VAL C 132 41.12 -3.35 13.16
C VAL C 132 42.38 -3.76 13.92
N ALA C 133 42.26 -4.66 14.90
CA ALA C 133 43.38 -5.02 15.76
C ALA C 133 44.33 -5.96 15.05
N ALA C 134 45.59 -5.57 14.95
CA ALA C 134 46.60 -6.40 14.32
C ALA C 134 47.73 -6.81 15.25
N GLY C 135 48.03 -6.01 16.27
CA GLY C 135 49.19 -6.25 17.10
C GLY C 135 48.98 -7.38 18.09
N ASP C 136 49.88 -7.43 19.07
CA ASP C 136 49.81 -8.46 20.10
C ASP C 136 48.48 -8.45 20.83
N ASP C 137 47.77 -7.32 20.82
CA ASP C 137 46.55 -7.18 21.60
C ASP C 137 45.34 -7.86 20.95
N LYS C 138 45.48 -8.39 19.74
CA LYS C 138 44.33 -8.96 19.03
C LYS C 138 43.70 -10.10 19.80
N LYS C 139 44.51 -11.07 20.24
CA LYS C 139 43.93 -12.27 20.83
C LYS C 139 43.03 -11.92 22.01
N GLY C 140 43.51 -11.07 22.91
CA GLY C 140 42.72 -10.70 24.07
C GLY C 140 41.42 -9.99 23.70
N ILE C 141 41.48 -9.09 22.71
CA ILE C 141 40.28 -8.40 22.24
C ILE C 141 39.28 -9.41 21.69
N VAL C 142 39.73 -10.31 20.81
CA VAL C 142 38.86 -11.34 20.24
C VAL C 142 38.23 -12.17 21.35
N ASP C 143 39.04 -12.64 22.30
CA ASP C 143 38.48 -13.46 23.37
C ASP C 143 37.48 -12.68 24.20
N GLN C 144 37.73 -11.38 24.41
CA GLN C 144 36.83 -10.55 25.20
C GLN C 144 35.51 -10.32 24.50
N SER C 145 35.52 -10.19 23.16
CA SER C 145 34.25 -10.17 22.44
C SER C 145 33.50 -11.48 22.64
N GLN C 146 34.20 -12.60 22.45
CA GLN C 146 33.56 -13.91 22.58
C GLN C 146 32.96 -14.10 23.97
N GLN C 147 33.70 -13.71 25.00
CA GLN C 147 33.23 -13.97 26.36
C GLN C 147 31.97 -13.17 26.66
N ALA C 148 31.92 -11.93 26.16
CA ALA C 148 30.76 -11.07 26.40
C ALA C 148 29.55 -11.60 25.65
N TYR C 149 29.74 -11.98 24.39
CA TYR C 149 28.65 -12.59 23.65
C TYR C 149 28.17 -13.88 24.29
N GLN C 150 29.12 -14.71 24.73
CA GLN C 150 28.74 -16.02 25.25
C GLN C 150 27.95 -15.85 26.54
N GLU C 151 28.38 -14.90 27.38
CA GLU C 151 27.64 -14.68 28.61
C GLU C 151 26.25 -14.15 28.33
N ALA C 152 26.13 -13.27 27.35
CA ALA C 152 24.83 -12.77 26.96
C ALA C 152 23.98 -13.89 26.40
N PHE C 153 24.61 -14.77 25.63
CA PHE C 153 23.89 -15.84 24.93
C PHE C 153 23.33 -16.84 25.92
N GLU C 154 24.09 -17.20 26.95
CA GLU C 154 23.58 -18.14 27.94
C GLU C 154 22.44 -17.53 28.75
N ILE C 155 22.57 -16.26 29.15
CA ILE C 155 21.48 -15.63 29.88
C ILE C 155 20.23 -15.56 29.00
N SER C 156 20.39 -15.17 27.74
CA SER C 156 19.23 -14.95 26.89
C SER C 156 18.53 -16.27 26.58
N LYS C 157 19.32 -17.35 26.39
CA LYS C 157 18.76 -18.68 26.15
C LYS C 157 17.81 -19.09 27.27
N LYS C 158 18.19 -18.80 28.50
CA LYS C 158 17.43 -19.23 29.67
C LYS C 158 16.27 -18.30 29.98
N GLU C 159 16.39 -16.99 29.70
CA GLU C 159 15.50 -15.99 30.29
C GLU C 159 14.65 -15.22 29.29
N MET C 160 14.94 -15.29 28.00
CA MET C 160 14.22 -14.47 27.03
C MET C 160 13.59 -15.38 25.99
N GLN C 161 12.47 -14.91 25.44
CA GLN C 161 11.80 -15.66 24.39
C GLN C 161 12.64 -15.65 23.12
N PRO C 162 12.57 -16.74 22.33
CA PRO C 162 13.25 -16.76 21.03
C PRO C 162 12.89 -15.64 20.09
N THR C 163 11.68 -15.07 20.20
CA THR C 163 11.33 -13.99 19.28
C THR C 163 11.66 -12.60 19.82
N HIS C 164 12.24 -12.52 21.01
CA HIS C 164 12.54 -11.19 21.56
C HIS C 164 13.60 -10.51 20.71
N PRO C 165 13.42 -9.25 20.31
CA PRO C 165 14.41 -8.64 19.41
C PRO C 165 15.82 -8.63 19.95
N ILE C 166 15.99 -8.56 21.26
CA ILE C 166 17.34 -8.54 21.80
C ILE C 166 17.99 -9.93 21.72
N ARG C 167 17.21 -10.98 21.93
CA ARG C 167 17.77 -12.33 21.76
C ARG C 167 18.11 -12.59 20.29
N LEU C 168 17.25 -12.13 19.38
CA LEU C 168 17.53 -12.32 17.96
C LEU C 168 18.74 -11.51 17.52
N GLY C 169 18.81 -10.24 17.95
CA GLY C 169 19.92 -9.39 17.57
C GLY C 169 21.23 -9.91 18.11
N LEU C 170 21.21 -10.47 19.34
CA LEU C 170 22.40 -11.10 19.88
C LEU C 170 22.85 -12.28 19.03
N ALA C 171 21.92 -13.16 18.64
CA ALA C 171 22.32 -14.30 17.81
C ALA C 171 22.87 -13.83 16.48
N LEU C 172 22.24 -12.83 15.88
CA LEU C 172 22.75 -12.28 14.63
C LEU C 172 24.18 -11.78 14.81
N ASN C 173 24.44 -10.97 15.84
CA ASN C 173 25.77 -10.39 15.99
C ASN C 173 26.78 -11.42 16.43
N PHE C 174 26.36 -12.38 17.24
CA PHE C 174 27.26 -13.45 17.63
C PHE C 174 27.63 -14.33 16.44
N SER C 175 26.65 -14.62 15.58
CA SER C 175 26.98 -15.41 14.41
C SER C 175 27.91 -14.65 13.46
N VAL C 176 27.74 -13.34 13.33
CA VAL C 176 28.68 -12.54 12.53
C VAL C 176 30.07 -12.61 13.11
N PHE C 177 30.16 -12.53 14.42
CA PHE C 177 31.46 -12.62 15.07
C PHE C 177 32.15 -13.91 14.70
N TYR C 178 31.43 -15.03 14.77
CA TYR C 178 32.08 -16.28 14.40
C TYR C 178 32.47 -16.28 12.93
N TYR C 179 31.60 -15.75 12.07
CA TYR C 179 31.90 -15.80 10.64
C TYR C 179 33.07 -14.90 10.29
N GLU C 180 33.07 -13.68 10.79
CA GLU C 180 33.99 -12.66 10.33
C GLU C 180 35.28 -12.60 11.13
N ILE C 181 35.19 -12.75 12.44
CA ILE C 181 36.36 -12.57 13.30
C ILE C 181 37.08 -13.90 13.52
N LEU C 182 36.33 -14.93 13.86
CA LEU C 182 36.94 -16.24 14.07
C LEU C 182 36.96 -17.12 12.82
N ASN C 183 36.35 -16.70 11.72
CA ASN C 183 36.45 -17.46 10.46
C ASN C 183 35.84 -18.86 10.60
N SER C 184 34.74 -18.95 11.34
CA SER C 184 34.11 -20.24 11.64
C SER C 184 32.72 -20.28 11.02
N PRO C 185 32.65 -20.43 9.70
CA PRO C 185 31.33 -20.49 9.04
C PRO C 185 30.39 -21.56 9.58
N GLU C 186 30.86 -22.76 9.89
CA GLU C 186 29.92 -23.80 10.31
C GLU C 186 29.22 -23.38 11.60
N LYS C 187 29.98 -22.86 12.55
CA LYS C 187 29.38 -22.47 13.82
C LYS C 187 28.53 -21.22 13.65
N ALA C 188 28.97 -20.28 12.81
CA ALA C 188 28.17 -19.09 12.55
C ALA C 188 26.82 -19.48 11.96
N CYS C 189 26.83 -20.36 10.97
CA CYS C 189 25.60 -20.82 10.33
C CYS C 189 24.72 -21.57 11.31
N SER C 190 25.33 -22.44 12.15
CA SER C 190 24.52 -23.17 13.11
C SER C 190 23.86 -22.24 14.11
N LEU C 191 24.62 -21.28 14.63
CA LEU C 191 24.07 -20.33 15.60
C LEU C 191 22.94 -19.52 14.98
N ALA C 192 23.14 -19.05 13.75
CA ALA C 192 22.10 -18.22 13.14
C ALA C 192 20.87 -19.06 12.79
N LYS C 193 21.07 -20.27 12.28
CA LYS C 193 19.94 -21.11 11.86
C LYS C 193 19.10 -21.52 13.05
N THR C 194 19.72 -21.89 14.17
CA THR C 194 18.95 -22.28 15.35
C THR C 194 18.11 -21.12 15.82
N ALA C 195 18.72 -19.92 15.93
CA ALA C 195 17.97 -18.73 16.33
C ALA C 195 16.82 -18.47 15.39
N PHE C 196 17.06 -18.55 14.08
CA PHE C 196 15.99 -18.30 13.12
C PHE C 196 14.90 -19.35 13.26
N ASP C 197 15.28 -20.60 13.41
CA ASP C 197 14.28 -21.66 13.43
C ASP C 197 13.48 -21.66 14.74
N GLU C 198 14.11 -21.32 15.86
CA GLU C 198 13.38 -21.19 17.11
C GLU C 198 12.34 -20.09 17.00
N ALA C 199 12.68 -18.99 16.33
CA ALA C 199 11.75 -17.88 16.25
C ALA C 199 10.61 -18.21 15.28
N ILE C 200 10.92 -18.90 14.17
CA ILE C 200 9.89 -19.36 13.23
C ILE C 200 8.92 -20.26 13.96
N ALA C 201 9.47 -21.17 14.77
CA ALA C 201 8.60 -22.12 15.44
C ALA C 201 7.64 -21.39 16.35
N GLU C 202 8.09 -20.29 16.93
CA GLU C 202 7.32 -19.56 17.92
C GLU C 202 6.82 -18.22 17.42
N LEU C 203 6.60 -18.10 16.11
CA LEU C 203 6.22 -16.82 15.51
C LEU C 203 4.96 -16.26 16.15
N ASP C 204 4.09 -17.13 16.65
CA ASP C 204 2.87 -16.65 17.29
C ASP C 204 3.13 -15.90 18.59
N THR C 205 4.36 -15.86 19.08
CA THR C 205 4.66 -15.08 20.28
C THR C 205 5.01 -13.64 19.97
N LEU C 206 5.13 -13.26 18.70
CA LEU C 206 5.49 -11.89 18.36
C LEU C 206 4.38 -10.95 18.82
N SER C 207 4.77 -9.91 19.56
CA SER C 207 3.85 -8.87 20.00
C SER C 207 3.78 -7.77 18.95
N GLU C 208 2.82 -6.87 19.15
CA GLU C 208 2.71 -5.68 18.30
C GLU C 208 3.98 -4.84 18.39
N GLU C 209 4.58 -4.78 19.57
CA GLU C 209 5.76 -3.94 19.76
C GLU C 209 7.04 -4.56 19.20
N SER C 210 7.15 -5.89 19.19
CA SER C 210 8.35 -6.56 18.73
C SER C 210 8.28 -6.97 17.26
N TYR C 211 7.08 -6.98 16.66
CA TYR C 211 6.91 -7.66 15.37
C TYR C 211 7.86 -7.11 14.31
N LYS C 212 7.97 -5.79 14.19
CA LYS C 212 8.78 -5.25 13.10
C LYS C 212 10.26 -5.53 13.31
N ASP C 213 10.76 -5.27 14.51
CA ASP C 213 12.17 -5.45 14.81
C ASP C 213 12.58 -6.91 14.71
N SER C 214 11.77 -7.81 15.25
CA SER C 214 12.14 -9.21 15.23
C SER C 214 12.04 -9.78 13.82
N THR C 215 11.02 -9.36 13.07
CA THR C 215 10.90 -9.90 11.72
C THR C 215 12.02 -9.39 10.84
N LEU C 216 12.46 -8.14 11.05
CA LEU C 216 13.65 -7.67 10.36
C LEU C 216 14.87 -8.49 10.73
N ILE C 217 15.09 -8.75 12.03
CA ILE C 217 16.30 -9.47 12.40
C ILE C 217 16.26 -10.88 11.85
N MET C 218 15.09 -11.50 11.86
CA MET C 218 14.98 -12.82 11.21
C MET C 218 15.39 -12.75 9.76
N GLN C 219 14.96 -11.70 9.05
CA GLN C 219 15.31 -11.60 7.64
C GLN C 219 16.82 -11.42 7.47
N LEU C 220 17.46 -10.70 8.38
CA LEU C 220 18.91 -10.52 8.31
C LEU C 220 19.63 -11.82 8.63
N LEU C 221 19.12 -12.60 9.58
CA LEU C 221 19.65 -13.95 9.80
C LEU C 221 19.60 -14.75 8.52
N ARG C 222 18.43 -14.78 7.89
CA ARG C 222 18.24 -15.54 6.66
C ARG C 222 19.16 -15.04 5.55
N ASP C 223 19.28 -13.73 5.39
CA ASP C 223 20.15 -13.20 4.33
C ASP C 223 21.61 -13.59 4.58
N ASN C 224 22.09 -13.45 5.82
CA ASN C 224 23.46 -13.89 6.09
C ASN C 224 23.61 -15.38 5.78
N LEU C 225 22.66 -16.19 6.22
CA LEU C 225 22.74 -17.62 5.93
C LEU C 225 22.78 -17.88 4.43
N THR C 226 21.97 -17.17 3.66
CA THR C 226 22.08 -17.31 2.21
C THR C 226 23.47 -16.97 1.72
N LEU C 227 23.99 -15.81 2.13
CA LEU C 227 25.31 -15.36 1.72
C LEU C 227 26.40 -16.34 2.14
N TRP C 228 26.24 -16.98 3.29
CA TRP C 228 27.29 -17.83 3.83
C TRP C 228 27.24 -19.25 3.30
N THR C 229 26.09 -19.71 2.79
CA THR C 229 25.95 -21.08 2.31
C THR C 229 25.95 -21.16 0.78
N ARG D 4 30.47 -8.14 3.13
CA ARG D 4 30.18 -7.91 4.54
C ARG D 4 29.09 -8.85 5.01
N SER D 5 28.74 -8.70 6.28
CA SER D 5 27.61 -9.38 6.86
C SER D 5 26.66 -8.33 7.44
N TYR D 6 25.39 -8.69 7.52
CA TYR D 6 24.41 -7.84 8.17
C TYR D 6 24.49 -8.03 9.68
N SER D 8 23.07 -6.41 13.70
CA SER D 8 21.77 -6.06 14.23
C SER D 8 21.57 -4.56 14.09
N PRO D 9 20.40 -4.16 13.61
CA PRO D 9 20.03 -2.75 13.58
C PRO D 9 19.47 -2.33 14.93
N ASP D 10 19.13 -1.06 15.02
CA ASP D 10 18.60 -0.53 16.27
C ASP D 10 17.18 -1.02 16.49
N ILE D 11 16.85 -1.23 17.77
CA ILE D 11 15.47 -1.44 18.21
C ILE D 11 14.61 -0.24 17.85
N THR D 12 13.32 -0.49 17.67
CA THR D 12 12.36 0.55 17.32
C THR D 12 11.09 0.36 18.15
N ASP E 2 13.57 -3.81 37.02
CA ASP E 2 13.05 -5.10 37.45
C ASP E 2 11.63 -5.34 36.92
N LYS E 3 11.30 -4.65 35.83
CA LYS E 3 9.93 -4.69 35.30
C LYS E 3 9.57 -6.08 34.83
N ASN E 4 10.46 -6.73 34.10
CA ASN E 4 10.15 -8.05 33.57
C ASN E 4 9.78 -9.01 34.71
N GLU E 5 10.45 -8.88 35.85
CA GLU E 5 10.11 -9.71 36.99
C GLU E 5 8.75 -9.32 37.59
N LEU E 6 8.48 -8.02 37.67
CA LEU E 6 7.17 -7.55 38.13
C LEU E 6 6.04 -8.04 37.24
N VAL E 7 6.26 -8.06 35.92
CA VAL E 7 5.24 -8.53 35.00
C VAL E 7 5.03 -10.04 35.14
N GLN E 8 6.12 -10.80 35.28
CA GLN E 8 5.97 -12.22 35.55
C GLN E 8 5.15 -12.45 36.81
N LYS E 9 5.47 -11.72 37.88
CA LYS E 9 4.71 -11.83 39.11
C LYS E 9 3.26 -11.43 38.90
N ALA E 10 3.00 -10.38 38.10
CA ALA E 10 1.62 -9.98 37.88
C ALA E 10 0.84 -11.11 37.20
N LYS E 11 1.46 -11.79 36.23
CA LYS E 11 0.82 -12.91 35.52
C LYS E 11 0.55 -14.07 36.46
N LEU E 12 1.48 -14.31 37.39
CA LEU E 12 1.30 -15.35 38.39
C LEU E 12 0.14 -15.01 39.33
N ALA E 13 0.14 -13.79 39.83
CA ALA E 13 -0.94 -13.30 40.68
C ALA E 13 -2.29 -13.42 39.98
N GLU E 14 -2.34 -13.04 38.70
CA GLU E 14 -3.57 -13.23 37.91
C GLU E 14 -4.04 -14.67 37.91
N GLN E 15 -3.16 -15.60 37.55
CA GLN E 15 -3.55 -17.01 37.55
C GLN E 15 -4.00 -17.47 38.92
N ALA E 16 -3.34 -16.98 39.98
CA ALA E 16 -3.69 -17.28 41.37
C ALA E 16 -4.90 -16.52 41.88
N GLU E 17 -5.47 -15.64 41.08
CA GLU E 17 -6.61 -14.80 41.46
C GLU E 17 -6.29 -13.95 42.70
N ARG E 18 -5.06 -13.47 42.77
CA ARG E 18 -4.60 -12.57 43.84
C ARG E 18 -4.48 -11.19 43.20
N TYR E 19 -5.63 -10.55 43.05
CA TYR E 19 -5.67 -9.32 42.26
C TYR E 19 -5.08 -8.12 42.97
N ASP E 20 -5.23 -8.01 44.28
CA ASP E 20 -4.51 -6.94 44.97
C ASP E 20 -3.01 -7.04 44.69
N ASP E 21 -2.44 -8.24 44.78
CA ASP E 21 -1.04 -8.42 44.43
C ASP E 21 -0.75 -8.02 42.98
N MET E 22 -1.63 -8.44 42.07
CA MET E 22 -1.42 -8.16 40.64
C MET E 22 -1.41 -6.65 40.40
N ALA E 23 -2.28 -5.92 41.08
CA ALA E 23 -2.35 -4.48 40.88
C ALA E 23 -1.10 -3.82 41.44
N ALA E 24 -0.65 -4.25 42.61
CA ALA E 24 0.58 -3.68 43.15
C ALA E 24 1.73 -3.84 42.16
N CYS E 25 1.84 -5.02 41.53
CA CYS E 25 2.88 -5.27 40.55
C CYS E 25 2.77 -4.30 39.38
N MET E 26 1.57 -4.17 38.84
CA MET E 26 1.40 -3.36 37.65
C MET E 26 1.46 -1.88 37.98
N LYS E 27 1.06 -1.49 39.18
CA LYS E 27 1.30 -0.12 39.61
C LYS E 27 2.79 0.19 39.61
N SER E 28 3.59 -0.73 40.15
CA SER E 28 5.03 -0.49 40.17
C SER E 28 5.61 -0.49 38.75
N VAL E 29 5.08 -1.31 37.85
CA VAL E 29 5.55 -1.27 36.47
C VAL E 29 5.26 0.11 35.89
N THR E 30 4.06 0.61 36.17
CA THR E 30 3.65 1.87 35.58
C THR E 30 4.52 3.00 36.09
N GLU E 31 4.86 2.95 37.37
CA GLU E 31 5.61 4.01 38.04
C GLU E 31 7.05 4.08 37.57
N GLN E 32 7.51 3.11 36.79
CA GLN E 32 8.82 3.20 36.15
C GLN E 32 8.81 4.15 34.95
N GLY E 33 7.65 4.69 34.61
CA GLY E 33 7.56 5.83 33.72
C GLY E 33 7.60 5.53 32.24
N ALA E 34 7.86 4.29 31.84
CA ALA E 34 7.85 3.95 30.43
C ALA E 34 6.45 3.57 29.98
N GLU E 35 6.19 3.80 28.70
CA GLU E 35 4.90 3.45 28.11
C GLU E 35 4.69 1.94 28.18
N LEU E 36 3.48 1.54 28.53
CA LEU E 36 3.18 0.13 28.68
C LEU E 36 2.92 -0.51 27.33
N SER E 37 3.40 -1.74 27.18
CA SER E 37 3.03 -2.57 26.07
C SER E 37 1.53 -2.91 26.12
N ASN E 38 1.01 -3.39 24.99
CA ASN E 38 -0.37 -3.86 24.96
C ASN E 38 -0.62 -4.89 26.06
N GLU E 39 0.30 -5.86 26.21
CA GLU E 39 0.13 -6.87 27.25
C GLU E 39 0.09 -6.24 28.64
N GLU E 40 1.04 -5.35 28.93
CA GLU E 40 1.08 -4.71 30.25
C GLU E 40 -0.14 -3.86 30.49
N ARG E 41 -0.59 -3.13 29.46
CA ARG E 41 -1.83 -2.36 29.58
C ARG E 41 -2.99 -3.26 29.99
N ASN E 42 -3.08 -4.44 29.39
CA ASN E 42 -4.18 -5.32 29.73
C ASN E 42 -4.02 -5.85 31.15
N LEU E 43 -2.80 -6.18 31.54
CA LEU E 43 -2.58 -6.67 32.91
C LEU E 43 -2.95 -5.60 33.92
N LEU E 44 -2.55 -4.34 33.68
CA LEU E 44 -2.92 -3.26 34.58
C LEU E 44 -4.43 -3.17 34.72
N SER E 45 -5.12 -3.22 33.59
CA SER E 45 -6.57 -3.04 33.56
C SER E 45 -7.30 -4.21 34.24
N VAL E 46 -6.90 -5.44 33.96
CA VAL E 46 -7.50 -6.61 34.60
C VAL E 46 -7.31 -6.53 36.11
N ALA E 47 -6.09 -6.15 36.56
CA ALA E 47 -5.82 -6.14 38.00
C ALA E 47 -6.72 -5.16 38.70
N TYR E 48 -6.72 -3.92 38.24
CA TYR E 48 -7.54 -2.94 38.94
C TYR E 48 -9.02 -3.16 38.73
N LYS E 49 -9.46 -3.68 37.57
CA LYS E 49 -10.89 -3.99 37.44
C LYS E 49 -11.35 -4.95 38.53
N ASN E 50 -10.55 -5.97 38.80
CA ASN E 50 -10.93 -6.96 39.79
C ASN E 50 -10.81 -6.42 41.19
N VAL E 51 -9.77 -5.61 41.45
CA VAL E 51 -9.59 -5.00 42.76
C VAL E 51 -10.77 -4.09 43.07
N VAL E 52 -11.09 -3.21 42.15
CA VAL E 52 -12.20 -2.29 42.46
C VAL E 52 -13.54 -2.99 42.35
N GLY E 53 -13.63 -4.01 41.50
CA GLY E 53 -14.91 -4.71 41.33
C GLY E 53 -15.34 -5.39 42.60
N ALA E 54 -14.37 -5.93 43.35
CA ALA E 54 -14.68 -6.59 44.59
C ALA E 54 -15.29 -5.59 45.55
N ARG E 55 -14.65 -4.41 45.67
CA ARG E 55 -15.19 -3.39 46.56
C ARG E 55 -16.53 -2.86 46.09
N ARG E 56 -16.74 -2.73 44.77
CA ARG E 56 -18.03 -2.23 44.29
C ARG E 56 -19.14 -3.22 44.60
N SER E 57 -18.85 -4.51 44.45
CA SER E 57 -19.83 -5.55 44.78
C SER E 57 -20.19 -5.51 46.27
N SER E 58 -19.17 -5.48 47.13
CA SER E 58 -19.43 -5.45 48.56
C SER E 58 -20.19 -4.20 48.90
N TRP E 59 -19.83 -3.08 48.28
CA TRP E 59 -20.52 -1.83 48.58
C TRP E 59 -22.00 -1.90 48.21
N ARG E 60 -22.30 -2.43 47.03
CA ARG E 60 -23.70 -2.49 46.67
C ARG E 60 -24.47 -3.37 47.63
N VAL E 61 -23.86 -4.48 48.08
CA VAL E 61 -24.53 -5.39 49.00
C VAL E 61 -24.78 -4.70 50.34
N VAL E 62 -23.76 -4.00 50.87
CA VAL E 62 -23.93 -3.47 52.21
C VAL E 62 -24.80 -2.22 52.18
N SER E 63 -24.64 -1.41 51.14
CA SER E 63 -25.56 -0.29 50.91
C SER E 63 -27.00 -0.78 50.85
N SER E 64 -27.24 -1.89 50.17
CA SER E 64 -28.60 -2.41 50.13
C SER E 64 -29.12 -2.70 51.53
N ILE E 65 -28.29 -3.31 52.38
CA ILE E 65 -28.73 -3.70 53.73
C ILE E 65 -28.88 -2.47 54.61
N GLU E 66 -27.96 -1.53 54.48
CA GLU E 66 -28.07 -0.25 55.17
C GLU E 66 -29.44 0.37 54.91
N GLN E 67 -29.78 0.51 53.63
CA GLN E 67 -31.05 1.13 53.27
C GLN E 67 -32.25 0.28 53.66
N LYS E 68 -32.07 -1.03 53.89
CA LYS E 68 -33.20 -1.92 54.11
C LYS E 68 -33.46 -2.23 55.59
N THR E 69 -32.42 -2.26 56.42
CA THR E 69 -32.57 -2.50 57.84
C THR E 69 -32.94 -1.24 58.60
N GLU E 70 -33.42 -0.24 57.88
CA GLU E 70 -33.86 1.01 58.45
C GLU E 70 -35.07 0.77 59.36
N GLY E 71 -35.11 1.52 60.46
C GLY E 71 -35.30 -0.36 62.71
N ALA E 72 -34.20 -0.96 62.29
CA ALA E 72 -33.30 -1.65 63.21
C ALA E 72 -32.08 -0.77 63.45
N GLU E 73 -32.23 0.19 64.35
CA GLU E 73 -31.23 1.25 64.52
C GLU E 73 -29.81 0.68 64.61
N LYS E 74 -29.61 -0.36 65.42
CA LYS E 74 -28.27 -0.90 65.60
C LYS E 74 -27.79 -1.64 64.35
N LYS E 75 -28.65 -2.46 63.75
CA LYS E 75 -28.28 -3.12 62.51
C LYS E 75 -27.94 -2.10 61.42
N GLN E 76 -28.71 -1.01 61.32
CA GLN E 76 -28.47 -0.01 60.29
C GLN E 76 -27.17 0.75 60.54
N GLN E 77 -26.89 1.09 61.80
CA GLN E 77 -25.65 1.82 62.07
C GLN E 77 -24.45 0.98 61.69
N MET E 78 -24.50 -0.32 61.96
CA MET E 78 -23.35 -1.15 61.63
C MET E 78 -23.17 -1.26 60.12
N ALA E 79 -24.27 -1.40 59.37
CA ALA E 79 -24.15 -1.46 57.92
C ALA E 79 -23.59 -0.14 57.37
N ARG E 80 -24.11 1.00 57.84
CA ARG E 80 -23.55 2.29 57.46
C ARG E 80 -22.06 2.36 57.70
N GLU E 81 -21.61 1.94 58.89
CA GLU E 81 -20.18 2.05 59.19
C GLU E 81 -19.37 1.13 58.29
N TYR E 82 -19.85 -0.09 58.06
CA TYR E 82 -19.15 -1.00 57.18
C TYR E 82 -19.16 -0.47 55.76
N ARG E 83 -20.30 0.07 55.31
CA ARG E 83 -20.32 0.68 53.98
C ARG E 83 -19.27 1.76 53.87
N GLU E 84 -19.15 2.59 54.89
CA GLU E 84 -18.17 3.68 54.86
C GLU E 84 -16.75 3.14 54.77
N LYS E 85 -16.46 2.07 55.50
CA LYS E 85 -15.14 1.45 55.40
C LYS E 85 -14.87 0.96 53.99
N ILE E 86 -15.85 0.25 53.41
CA ILE E 86 -15.70 -0.28 52.05
C ILE E 86 -15.53 0.87 51.06
N GLU E 87 -16.36 1.89 51.19
CA GLU E 87 -16.30 3.07 50.33
C GLU E 87 -14.92 3.75 50.39
N THR E 88 -14.29 3.76 51.55
CA THR E 88 -12.95 4.34 51.66
C THR E 88 -11.94 3.54 50.86
N GLU E 89 -12.01 2.21 50.92
CA GLU E 89 -11.10 1.41 50.12
C GLU E 89 -11.34 1.69 48.66
N LEU E 90 -12.62 1.75 48.29
CA LEU E 90 -13.02 1.96 46.90
C LEU E 90 -12.49 3.31 46.41
N ARG E 91 -12.66 4.35 47.20
CA ARG E 91 -12.15 5.65 46.78
C ARG E 91 -10.63 5.64 46.67
N ASP E 92 -9.94 4.99 47.61
CA ASP E 92 -8.48 4.96 47.54
C ASP E 92 -8.01 4.22 46.29
N ILE E 93 -8.73 3.16 45.91
CA ILE E 93 -8.38 2.42 44.70
C ILE E 93 -8.56 3.31 43.48
N CYS E 94 -9.72 3.94 43.36
CA CYS E 94 -9.97 4.80 42.20
C CYS E 94 -8.97 5.96 42.15
N ASN E 95 -8.67 6.56 43.29
CA ASN E 95 -7.74 7.67 43.25
C ASN E 95 -6.36 7.21 42.79
N ASP E 96 -5.94 6.02 43.24
CA ASP E 96 -4.65 5.48 42.82
C ASP E 96 -4.61 5.32 41.31
N VAL E 97 -5.65 4.71 40.73
CA VAL E 97 -5.69 4.51 39.27
C VAL E 97 -5.72 5.86 38.56
N LEU E 98 -6.56 6.77 39.03
CA LEU E 98 -6.67 8.06 38.36
C LEU E 98 -5.36 8.84 38.47
N SER E 99 -4.63 8.67 39.58
CA SER E 99 -3.31 9.29 39.66
C SER E 99 -2.34 8.64 38.67
N LEU E 100 -2.41 7.31 38.50
CA LEU E 100 -1.52 6.67 37.53
C LEU E 100 -1.85 7.15 36.12
N LEU E 101 -3.14 7.32 35.83
CA LEU E 101 -3.56 7.78 34.51
C LEU E 101 -3.06 9.20 34.24
N GLU E 102 -3.21 10.07 35.23
CA GLU E 102 -2.82 11.47 35.04
C GLU E 102 -1.31 11.64 34.97
N LYS E 103 -0.57 10.93 35.82
CA LYS E 103 0.86 11.18 35.93
C LYS E 103 1.68 10.45 34.87
N PHE E 104 1.26 9.23 34.52
CA PHE E 104 2.05 8.35 33.68
C PHE E 104 1.36 7.98 32.38
N LEU E 105 0.15 7.43 32.44
CA LEU E 105 -0.36 6.67 31.32
C LEU E 105 -0.81 7.60 30.20
N ILE E 106 -1.61 8.60 30.52
CA ILE E 106 -2.16 9.45 29.48
C ILE E 106 -1.06 10.32 28.90
N PRO E 107 -0.20 10.94 29.72
CA PRO E 107 0.88 11.76 29.13
C PRO E 107 1.74 11.01 28.14
N ASN E 108 1.99 9.72 28.37
CA ASN E 108 2.91 8.97 27.52
C ASN E 108 2.22 8.22 26.41
N ALA E 109 0.90 8.34 26.27
CA ALA E 109 0.21 7.59 25.22
C ALA E 109 0.50 8.22 23.86
N SER E 110 1.16 7.44 22.98
CA SER E 110 1.68 7.96 21.72
C SER E 110 0.83 7.59 20.50
N GLN E 111 -0.15 6.71 20.64
CA GLN E 111 -1.04 6.31 19.55
C GLN E 111 -2.48 6.44 20.00
N ALA E 112 -3.39 6.59 19.02
CA ALA E 112 -4.79 6.78 19.33
C ALA E 112 -5.33 5.63 20.15
N GLU E 113 -4.85 4.42 19.86
CA GLU E 113 -5.26 3.20 20.55
C GLU E 113 -5.17 3.37 22.05
N SER E 114 -3.98 3.71 22.53
CA SER E 114 -3.77 3.80 23.96
C SER E 114 -4.38 5.06 24.52
N LYS E 115 -4.43 6.15 23.73
CA LYS E 115 -5.09 7.36 24.16
C LYS E 115 -6.56 7.07 24.48
N VAL E 116 -7.27 6.39 23.58
CA VAL E 116 -8.64 6.02 23.86
C VAL E 116 -8.70 5.08 25.05
N PHE E 117 -7.81 4.09 25.12
CA PHE E 117 -7.89 3.11 26.19
C PHE E 117 -7.79 3.77 27.56
N TYR E 118 -6.85 4.69 27.69
CA TYR E 118 -6.63 5.29 28.99
C TYR E 118 -7.66 6.36 29.29
N LEU E 119 -8.12 7.12 28.30
CA LEU E 119 -9.17 8.07 28.59
C LEU E 119 -10.44 7.35 28.98
N LYS E 120 -10.70 6.22 28.35
CA LYS E 120 -11.85 5.42 28.77
C LYS E 120 -11.69 4.95 30.21
N MET E 121 -10.48 4.51 30.56
CA MET E 121 -10.22 4.07 31.92
C MET E 121 -10.42 5.21 32.90
N LYS E 122 -10.04 6.43 32.50
CA LYS E 122 -10.29 7.59 33.33
C LYS E 122 -11.80 7.82 33.51
N GLY E 123 -12.56 7.75 32.41
CA GLY E 123 -14.02 7.77 32.53
C GLY E 123 -14.55 6.74 33.51
N ASP E 124 -14.03 5.51 33.40
CA ASP E 124 -14.52 4.40 34.20
C ASP E 124 -14.30 4.64 35.68
N TYR E 125 -13.08 5.07 36.07
CA TYR E 125 -12.79 5.15 37.49
C TYR E 125 -13.38 6.40 38.12
N TYR E 126 -13.56 7.47 37.35
CA TYR E 126 -14.44 8.55 37.85
C TYR E 126 -15.89 8.08 37.93
N ARG E 127 -16.34 7.22 37.01
CA ARG E 127 -17.69 6.69 37.12
C ARG E 127 -17.86 5.86 38.39
N TYR E 128 -16.85 5.07 38.78
CA TYR E 128 -16.97 4.31 40.01
C TYR E 128 -16.99 5.22 41.22
N LEU E 129 -16.26 6.34 41.17
CA LEU E 129 -16.41 7.33 42.24
C LEU E 129 -17.81 7.90 42.24
N ALA E 130 -18.38 8.14 41.06
CA ALA E 130 -19.72 8.72 40.97
C ALA E 130 -20.77 7.76 41.50
N GLU E 131 -20.52 6.47 41.42
CA GLU E 131 -21.46 5.50 41.94
C GLU E 131 -21.69 5.66 43.46
N VAL E 132 -20.69 6.15 44.20
CA VAL E 132 -20.80 6.17 45.66
N ALA E 133 -20.67 8.74 45.12
CA ALA E 133 -20.62 10.16 45.46
C ALA E 133 -22.00 10.62 45.86
N ALA E 134 -22.11 11.21 47.03
CA ALA E 134 -23.37 11.81 47.46
C ALA E 134 -23.03 13.12 48.16
N GLY E 135 -23.11 14.21 47.42
CA GLY E 135 -22.98 15.53 48.02
C GLY E 135 -22.20 16.52 47.20
N ASP E 136 -21.38 17.32 47.88
CA ASP E 136 -20.58 18.32 47.20
C ASP E 136 -19.69 17.69 46.15
N ASP E 137 -19.15 16.50 46.44
CA ASP E 137 -18.19 15.88 45.54
C ASP E 137 -18.83 15.48 44.21
N LYS E 138 -20.12 15.17 44.21
CA LYS E 138 -20.71 14.43 43.10
C LYS E 138 -20.52 15.14 41.77
N LYS E 139 -20.77 16.44 41.71
CA LYS E 139 -20.90 17.08 40.40
C LYS E 139 -19.56 17.11 39.67
N GLY E 140 -18.48 17.47 40.36
CA GLY E 140 -17.19 17.52 39.71
C GLY E 140 -16.77 16.15 39.22
N ILE E 141 -17.03 15.12 40.03
CA ILE E 141 -16.70 13.75 39.65
C ILE E 141 -17.45 13.38 38.37
N VAL E 142 -18.73 13.66 38.32
CA VAL E 142 -19.50 13.28 37.15
C VAL E 142 -18.97 14.02 35.93
N ASP E 143 -18.64 15.31 36.08
CA ASP E 143 -18.19 16.04 34.91
C ASP E 143 -16.85 15.53 34.41
N GLN E 144 -15.96 15.12 35.33
CA GLN E 144 -14.70 14.48 34.95
C GLN E 144 -14.93 13.19 34.18
N SER E 145 -15.81 12.32 34.68
CA SER E 145 -16.11 11.10 33.94
C SER E 145 -16.60 11.43 32.53
N GLN E 146 -17.57 12.34 32.43
CA GLN E 146 -18.16 12.66 31.14
C GLN E 146 -17.12 13.17 30.16
N GLN E 147 -16.27 14.11 30.57
CA GLN E 147 -15.39 14.70 29.57
C GLN E 147 -14.28 13.73 29.16
N ALA E 148 -13.84 12.84 30.05
CA ALA E 148 -12.87 11.83 29.62
C ALA E 148 -13.51 10.87 28.62
N TYR E 149 -14.71 10.40 28.92
CA TYR E 149 -15.42 9.57 27.95
C TYR E 149 -15.61 10.29 26.64
N GLN E 150 -15.96 11.58 26.68
CA GLN E 150 -16.31 12.26 25.44
C GLN E 150 -15.08 12.44 24.57
N GLU E 151 -13.94 12.74 25.19
CA GLU E 151 -12.70 12.88 24.47
C GLU E 151 -12.28 11.56 23.85
N ALA E 152 -12.28 10.48 24.64
CA ALA E 152 -12.02 9.16 24.08
C ALA E 152 -12.95 8.86 22.91
N PHE E 153 -14.23 9.24 23.05
CA PHE E 153 -15.26 8.97 22.05
C PHE E 153 -14.95 9.66 20.73
N GLU E 154 -14.61 10.95 20.78
CA GLU E 154 -14.28 11.64 19.53
C GLU E 154 -13.03 11.05 18.89
N ILE E 155 -11.98 10.80 19.67
CA ILE E 155 -10.80 10.13 19.11
C ILE E 155 -11.17 8.79 18.50
N SER E 156 -11.99 8.00 19.18
CA SER E 156 -12.31 6.67 18.66
C SER E 156 -13.04 6.78 17.32
N LYS E 157 -13.91 7.77 17.20
CA LYS E 157 -14.67 7.90 15.94
C LYS E 157 -13.83 8.48 14.82
N LYS E 158 -12.85 9.33 15.15
CA LYS E 158 -11.99 9.88 14.14
C LYS E 158 -10.92 8.89 13.71
N GLU E 159 -10.43 8.04 14.62
CA GLU E 159 -9.23 7.25 14.41
C GLU E 159 -9.43 5.74 14.37
N MET E 160 -10.61 5.23 14.69
CA MET E 160 -10.80 3.79 14.83
C MET E 160 -12.04 3.33 14.09
N GLN E 161 -11.96 2.09 13.60
CA GLN E 161 -13.08 1.48 12.91
C GLN E 161 -14.19 1.11 13.89
N PRO E 162 -15.47 1.26 13.49
CA PRO E 162 -16.57 0.98 14.43
C PRO E 162 -16.59 -0.46 14.95
N THR E 163 -15.79 -1.36 14.38
CA THR E 163 -15.66 -2.73 14.88
C THR E 163 -14.54 -2.88 15.89
N HIS E 164 -13.77 -1.84 16.14
CA HIS E 164 -12.60 -1.99 16.99
C HIS E 164 -12.99 -2.27 18.43
N PRO E 165 -12.46 -3.32 19.08
CA PRO E 165 -12.88 -3.62 20.45
C PRO E 165 -12.80 -2.47 21.42
N ILE E 166 -11.75 -1.64 21.34
CA ILE E 166 -11.61 -0.57 22.33
C ILE E 166 -12.65 0.51 22.08
N ARG E 167 -12.95 0.78 20.82
CA ARG E 167 -14.02 1.73 20.51
C ARG E 167 -15.36 1.20 21.02
N LEU E 168 -15.64 -0.08 20.80
CA LEU E 168 -16.90 -0.67 21.21
C LEU E 168 -17.03 -0.68 22.73
N GLY E 169 -15.95 -1.03 23.43
CA GLY E 169 -15.97 -1.07 24.88
C GLY E 169 -16.14 0.30 25.46
N LEU E 170 -15.58 1.30 24.80
CA LEU E 170 -15.82 2.69 25.20
C LEU E 170 -17.29 3.04 25.04
N ALA E 171 -17.88 2.75 23.88
CA ALA E 171 -19.30 3.04 23.72
C ALA E 171 -20.13 2.31 24.77
N LEU E 172 -19.82 1.04 25.03
CA LEU E 172 -20.53 0.30 26.06
C LEU E 172 -20.50 1.04 27.40
N ASN E 173 -19.31 1.41 27.85
CA ASN E 173 -19.19 2.00 29.17
C ASN E 173 -19.77 3.41 29.22
N PHE E 174 -19.65 4.16 28.13
CA PHE E 174 -20.23 5.49 28.05
C PHE E 174 -21.75 5.40 28.10
N SER E 175 -22.32 4.40 27.45
CA SER E 175 -23.76 4.22 27.53
C SER E 175 -24.15 3.88 28.97
N VAL E 176 -23.35 3.07 29.67
CA VAL E 176 -23.64 2.80 31.07
C VAL E 176 -23.58 4.07 31.88
N PHE E 177 -22.57 4.89 31.62
CA PHE E 177 -22.48 6.18 32.31
C PHE E 177 -23.78 7.00 32.14
N TYR E 178 -24.25 7.13 30.91
CA TYR E 178 -25.48 7.90 30.72
C TYR E 178 -26.64 7.28 31.48
N TYR E 179 -26.74 5.95 31.47
CA TYR E 179 -27.87 5.29 32.11
C TYR E 179 -27.80 5.43 33.64
N GLU E 180 -26.70 4.97 34.22
CA GLU E 180 -26.60 4.83 35.67
C GLU E 180 -26.25 6.14 36.37
N ILE E 181 -25.41 6.97 35.77
CA ILE E 181 -24.89 8.16 36.44
C ILE E 181 -25.70 9.40 36.08
N LEU E 182 -26.01 9.59 34.81
CA LEU E 182 -26.78 10.73 34.35
C LEU E 182 -28.28 10.50 34.28
N ASN E 183 -28.77 9.30 34.64
CA ASN E 183 -30.20 9.06 34.71
C ASN E 183 -30.84 9.42 33.38
N SER E 184 -30.22 8.93 32.30
CA SER E 184 -30.54 9.33 30.94
C SER E 184 -30.66 8.10 30.05
N PRO E 185 -31.75 7.34 30.20
CA PRO E 185 -31.86 6.06 29.48
C PRO E 185 -32.02 6.22 27.98
N GLU E 186 -32.68 7.27 27.50
CA GLU E 186 -32.81 7.43 26.06
C GLU E 186 -31.44 7.60 25.40
N LYS E 187 -30.61 8.46 25.98
CA LYS E 187 -29.27 8.69 25.42
C LYS E 187 -28.39 7.47 25.62
N ALA E 188 -28.56 6.78 26.74
CA ALA E 188 -27.83 5.54 26.95
C ALA E 188 -28.20 4.52 25.89
N CYS E 189 -29.50 4.32 25.67
CA CYS E 189 -29.96 3.35 24.68
C CYS E 189 -29.56 3.78 23.27
N SER E 190 -29.63 5.08 23.00
CA SER E 190 -29.24 5.58 21.69
C SER E 190 -27.78 5.33 21.40
N LEU E 191 -26.92 5.62 22.37
CA LEU E 191 -25.49 5.39 22.20
C LEU E 191 -25.20 3.92 21.98
N ALA E 192 -25.85 3.04 22.74
CA ALA E 192 -25.56 1.62 22.63
C ALA E 192 -26.03 1.09 21.29
N LYS E 193 -27.20 1.53 20.82
CA LYS E 193 -27.73 1.01 19.57
C LYS E 193 -26.90 1.49 18.38
N THR E 194 -26.52 2.76 18.38
CA THR E 194 -25.66 3.26 17.30
C THR E 194 -24.35 2.48 17.25
N ALA E 195 -23.72 2.23 18.41
CA ALA E 195 -22.45 1.51 18.40
C ALA E 195 -22.64 0.08 17.89
N PHE E 196 -23.74 -0.56 18.28
CA PHE E 196 -23.99 -1.94 17.84
C PHE E 196 -24.22 -1.97 16.34
N ASP E 197 -25.07 -1.07 15.84
CA ASP E 197 -25.47 -1.11 14.44
C ASP E 197 -24.31 -0.80 13.52
N GLU E 198 -23.47 0.15 13.92
CA GLU E 198 -22.34 0.54 13.11
C GLU E 198 -21.27 -0.54 13.05
N ALA E 199 -21.19 -1.40 14.08
CA ALA E 199 -20.20 -2.45 14.05
C ALA E 199 -20.66 -3.66 13.26
N ILE E 200 -21.96 -3.96 13.24
CA ILE E 200 -22.42 -5.03 12.35
C ILE E 200 -22.13 -4.67 10.91
N ALA E 201 -22.70 -3.55 10.46
CA ALA E 201 -22.56 -3.11 9.08
C ALA E 201 -21.09 -3.06 8.66
N LEU E 203 -18.03 -5.70 9.23
CA LEU E 203 -17.99 -6.75 10.24
C LEU E 203 -17.07 -7.93 9.83
N ASP E 204 -17.35 -8.51 8.66
CA ASP E 204 -16.60 -9.69 8.21
N SER E 207 -9.91 -9.70 12.68
CA SER E 207 -8.91 -10.57 13.32
C SER E 207 -9.52 -11.48 14.40
N GLU E 208 -9.05 -12.74 14.44
CA GLU E 208 -9.65 -13.75 15.31
C GLU E 208 -9.79 -13.26 16.76
N GLU E 209 -8.72 -12.69 17.31
CA GLU E 209 -8.81 -12.17 18.68
C GLU E 209 -9.80 -11.01 18.73
N SER E 210 -9.57 -9.96 17.93
CA SER E 210 -10.44 -8.80 17.97
C SER E 210 -11.90 -9.19 17.74
N TYR E 211 -12.14 -10.16 16.86
CA TYR E 211 -13.51 -10.64 16.67
C TYR E 211 -14.09 -11.18 17.97
N LYS E 212 -13.32 -11.97 18.72
CA LYS E 212 -13.82 -12.49 19.99
C LYS E 212 -14.17 -11.35 20.94
N ASP E 213 -13.25 -10.39 21.07
CA ASP E 213 -13.51 -9.24 21.94
C ASP E 213 -14.70 -8.43 21.44
N SER E 214 -14.74 -8.14 20.15
CA SER E 214 -15.79 -7.25 19.66
C SER E 214 -17.17 -7.89 19.74
N THR E 215 -17.29 -9.19 19.45
CA THR E 215 -18.63 -9.77 19.49
C THR E 215 -19.11 -9.96 20.91
N LEU E 216 -18.19 -10.16 21.86
CA LEU E 216 -18.57 -10.17 23.27
C LEU E 216 -19.11 -8.82 23.69
N ILE E 217 -18.44 -7.73 23.29
CA ILE E 217 -18.91 -6.40 23.68
C ILE E 217 -20.23 -6.08 22.98
N MET E 218 -20.37 -6.50 21.73
CA MET E 218 -21.64 -6.28 21.07
C MET E 218 -22.77 -7.03 21.80
N GLN E 219 -22.49 -8.22 22.33
CA GLN E 219 -23.48 -8.94 23.12
C GLN E 219 -23.87 -8.15 24.37
N LEU E 220 -22.90 -7.53 25.04
CA LEU E 220 -23.21 -6.74 26.20
C LEU E 220 -24.03 -5.51 25.83
N LEU E 221 -23.73 -4.89 24.69
CA LEU E 221 -24.58 -3.81 24.22
C LEU E 221 -26.02 -4.29 24.11
N ARG E 222 -26.22 -5.46 23.48
CA ARG E 222 -27.54 -6.06 23.43
C ARG E 222 -28.11 -6.33 24.82
N ASP E 223 -27.27 -6.84 25.73
CA ASP E 223 -27.76 -7.25 27.04
C ASP E 223 -28.23 -6.04 27.84
N ASN E 224 -27.54 -4.92 27.73
CA ASN E 224 -27.97 -3.72 28.42
C ASN E 224 -29.27 -3.21 27.85
N LEU E 225 -29.34 -3.09 26.52
CA LEU E 225 -30.60 -2.73 25.88
C LEU E 225 -31.72 -3.65 26.34
N THR E 226 -31.42 -4.92 26.60
CA THR E 226 -32.41 -5.86 27.12
C THR E 226 -32.86 -5.48 28.52
N LEU E 227 -31.89 -5.29 29.42
CA LEU E 227 -32.23 -4.93 30.79
C LEU E 227 -32.94 -3.59 30.86
N TRP E 228 -32.48 -2.62 30.09
CA TRP E 228 -32.96 -1.24 30.18
C TRP E 228 -34.34 -1.06 29.58
N THR E 229 -34.76 -1.93 28.67
CA THR E 229 -36.11 -1.90 28.14
C THR E 229 -37.00 -2.97 28.76
N SER E 230 -36.42 -3.88 29.52
CA SER E 230 -37.17 -4.90 30.23
C SER E 230 -38.02 -4.29 31.34
N ARG F 4 -28.59 -4.11 37.21
CA ARG F 4 -27.59 -3.08 37.04
C ARG F 4 -27.34 -2.90 35.54
N SER F 5 -26.08 -2.82 35.16
CA SER F 5 -25.72 -2.78 33.75
C SER F 5 -24.48 -3.62 33.60
N TYR F 6 -24.23 -4.00 32.36
CA TYR F 6 -23.02 -4.73 32.01
C TYR F 6 -22.01 -3.75 31.40
N SER F 8 -17.70 -3.12 30.20
CA SER F 8 -16.81 -3.82 29.29
C SER F 8 -15.94 -4.74 30.10
N PRO F 9 -15.70 -5.95 29.58
CA PRO F 9 -14.77 -6.87 30.23
C PRO F 9 -13.31 -6.51 29.92
N ASP G 2 -5.35 0.69 -67.95
CA ASP G 2 -4.14 0.39 -67.18
C ASP G 2 -4.18 1.03 -65.80
N LYS G 3 -3.68 0.30 -64.79
CA LYS G 3 -3.80 0.79 -63.42
C LYS G 3 -3.02 2.09 -63.23
N ASN G 4 -1.81 2.18 -63.75
CA ASN G 4 -1.01 3.38 -63.53
C ASN G 4 -1.61 4.58 -64.25
N GLU G 5 -2.27 4.36 -65.39
CA GLU G 5 -2.99 5.45 -66.01
C GLU G 5 -4.14 5.88 -65.12
N LEU G 6 -4.89 4.92 -64.59
CA LEU G 6 -6.02 5.25 -63.74
C LEU G 6 -5.56 5.98 -62.49
N VAL G 7 -4.45 5.55 -61.90
CA VAL G 7 -3.91 6.22 -60.71
C VAL G 7 -3.39 7.62 -61.06
N GLN G 8 -2.71 7.77 -62.20
CA GLN G 8 -2.27 9.10 -62.60
C GLN G 8 -3.46 10.03 -62.76
N LYS G 9 -4.56 9.52 -63.32
CA LYS G 9 -5.74 10.33 -63.54
C LYS G 9 -6.36 10.72 -62.21
N ALA G 10 -6.38 9.80 -61.25
CA ALA G 10 -6.90 10.13 -59.91
C ALA G 10 -6.12 11.29 -59.32
N LYS G 11 -4.81 11.29 -59.52
CA LYS G 11 -3.96 12.34 -58.93
C LYS G 11 -4.20 13.68 -59.61
N LEU G 12 -4.43 13.67 -60.93
CA LEU G 12 -4.84 14.89 -61.64
C LEU G 12 -6.17 15.40 -61.11
N ALA G 13 -7.15 14.51 -60.98
CA ALA G 13 -8.49 14.87 -60.51
C ALA G 13 -8.39 15.46 -59.13
N GLU G 14 -7.53 14.88 -58.28
CA GLU G 14 -7.35 15.38 -56.93
C GLU G 14 -6.86 16.82 -56.94
N GLN G 15 -5.83 17.09 -57.73
CA GLN G 15 -5.29 18.46 -57.83
C GLN G 15 -6.36 19.43 -58.34
N ALA G 16 -7.22 18.96 -59.25
CA ALA G 16 -8.26 19.80 -59.82
C ALA G 16 -9.48 19.87 -58.92
N GLU G 17 -9.50 19.13 -57.80
CA GLU G 17 -10.64 19.08 -56.89
C GLU G 17 -11.91 18.63 -57.62
N ARG G 18 -11.74 17.64 -58.49
CA ARG G 18 -12.84 16.99 -59.23
C ARG G 18 -12.98 15.59 -58.65
N TYR G 19 -13.67 15.52 -57.52
CA TYR G 19 -13.62 14.31 -56.71
C TYR G 19 -14.52 13.22 -57.25
N ASP G 20 -15.57 13.57 -57.97
CA ASP G 20 -16.36 12.53 -58.62
C ASP G 20 -15.49 11.79 -59.65
N ASP G 21 -14.70 12.55 -60.42
CA ASP G 21 -13.76 11.92 -61.35
C ASP G 21 -12.77 11.06 -60.60
N MET G 22 -12.17 11.62 -59.54
CA MET G 22 -11.16 10.91 -58.77
C MET G 22 -11.70 9.60 -58.23
N ALA G 23 -12.94 9.61 -57.73
CA ALA G 23 -13.51 8.39 -57.16
C ALA G 23 -13.78 7.35 -58.23
N ALA G 24 -14.15 7.77 -59.45
CA ALA G 24 -14.42 6.81 -60.49
C ALA G 24 -13.16 6.08 -60.86
N CYS G 25 -12.05 6.81 -60.93
CA CYS G 25 -10.76 6.19 -61.20
C CYS G 25 -10.40 5.18 -60.13
N MET G 26 -10.57 5.55 -58.85
CA MET G 26 -10.13 4.62 -57.84
C MET G 26 -11.05 3.42 -57.65
N LYS G 27 -12.35 3.60 -57.89
CA LYS G 27 -13.27 2.47 -57.95
C LYS G 27 -12.78 1.47 -58.98
N SER G 28 -12.44 1.97 -60.17
CA SER G 28 -11.96 1.10 -61.23
C SER G 28 -10.71 0.34 -60.83
N VAL G 29 -9.76 1.04 -60.23
CA VAL G 29 -8.54 0.40 -59.77
C VAL G 29 -8.87 -0.70 -58.77
N THR G 30 -9.72 -0.38 -57.79
CA THR G 30 -10.06 -1.34 -56.76
C THR G 30 -10.65 -2.59 -57.40
N GLU G 31 -11.48 -2.40 -58.43
CA GLU G 31 -12.21 -3.53 -59.00
C GLU G 31 -11.29 -4.46 -59.77
N GLN G 32 -10.08 -4.02 -60.10
CA GLN G 32 -9.11 -4.93 -60.71
C GLN G 32 -8.74 -6.07 -59.78
N GLY G 33 -8.93 -5.89 -58.47
CA GLY G 33 -8.83 -6.98 -57.52
C GLY G 33 -7.50 -7.15 -56.81
N ALA G 34 -6.50 -6.32 -57.11
CA ALA G 34 -5.23 -6.40 -56.38
C ALA G 34 -5.30 -5.49 -55.17
N GLU G 35 -4.70 -5.94 -54.07
CA GLU G 35 -4.58 -5.11 -52.88
C GLU G 35 -4.01 -3.74 -53.24
N LEU G 36 -4.59 -2.69 -52.64
CA LEU G 36 -4.16 -1.33 -52.95
C LEU G 36 -2.89 -0.99 -52.19
N SER G 37 -1.99 -0.29 -52.87
CA SER G 37 -0.87 0.36 -52.19
C SER G 37 -1.38 1.43 -51.24
N ASN G 38 -0.51 1.83 -50.29
CA ASN G 38 -0.90 2.88 -49.37
C ASN G 38 -1.23 4.15 -50.14
N GLU G 39 -0.54 4.38 -51.26
CA GLU G 39 -0.84 5.54 -52.10
C GLU G 39 -2.24 5.44 -52.71
N GLU G 40 -2.56 4.27 -53.25
CA GLU G 40 -3.88 4.04 -53.85
C GLU G 40 -4.97 4.07 -52.78
N ARG G 41 -4.70 3.52 -51.61
CA ARG G 41 -5.68 3.55 -50.53
C ARG G 41 -5.98 4.99 -50.14
N ASN G 42 -4.96 5.82 -50.06
CA ASN G 42 -5.18 7.22 -49.76
C ASN G 42 -6.01 7.89 -50.84
N LEU G 43 -5.73 7.60 -52.10
CA LEU G 43 -6.49 8.24 -53.16
C LEU G 43 -7.95 7.82 -53.10
N LEU G 44 -8.21 6.55 -52.83
CA LEU G 44 -9.58 6.08 -52.77
C LEU G 44 -10.31 6.79 -51.65
N SER G 45 -9.67 6.87 -50.50
CA SER G 45 -10.30 7.42 -49.32
C SER G 45 -10.58 8.90 -49.47
N VAL G 46 -9.59 9.66 -49.98
CA VAL G 46 -9.78 11.10 -50.20
C VAL G 46 -10.95 11.32 -51.14
N ALA G 47 -10.98 10.57 -52.24
CA ALA G 47 -11.99 10.81 -53.26
C ALA G 47 -13.37 10.61 -52.69
N TYR G 48 -13.62 9.45 -52.09
CA TYR G 48 -14.95 9.17 -51.62
C TYR G 48 -15.31 10.01 -50.39
N LYS G 49 -14.35 10.35 -49.51
CA LYS G 49 -14.68 11.22 -48.38
C LYS G 49 -15.21 12.57 -48.85
N ASN G 50 -14.63 13.10 -49.92
CA ASN G 50 -15.11 14.36 -50.46
C ASN G 50 -16.41 14.20 -51.25
N VAL G 51 -16.56 13.09 -52.00
CA VAL G 51 -17.80 12.86 -52.73
C VAL G 51 -18.96 12.72 -51.76
N VAL G 52 -18.79 11.89 -50.73
CA VAL G 52 -19.90 11.68 -49.82
C VAL G 52 -20.07 12.92 -48.95
N GLY G 53 -18.98 13.61 -48.61
CA GLY G 53 -19.10 14.76 -47.72
C GLY G 53 -19.93 15.87 -48.32
N ALA G 54 -19.75 16.11 -49.61
CA ALA G 54 -20.61 17.07 -50.30
C ALA G 54 -22.08 16.71 -50.16
N ARG G 55 -22.42 15.43 -50.37
CA ARG G 55 -23.82 15.08 -50.28
C ARG G 55 -24.31 15.17 -48.84
N ARG G 56 -23.46 14.80 -47.87
CA ARG G 56 -23.93 14.85 -46.50
C ARG G 56 -24.21 16.30 -46.10
N SER G 57 -23.34 17.21 -46.49
CA SER G 57 -23.53 18.63 -46.16
C SER G 57 -24.80 19.15 -46.80
N SER G 58 -25.02 18.84 -48.08
CA SER G 58 -26.24 19.29 -48.74
C SER G 58 -27.48 18.69 -48.09
N TRP G 59 -27.41 17.40 -47.74
CA TRP G 59 -28.52 16.73 -47.07
C TRP G 59 -28.87 17.42 -45.74
N ARG G 60 -27.87 17.80 -44.94
CA ARG G 60 -28.16 18.42 -43.65
C ARG G 60 -28.86 19.73 -43.83
N VAL G 61 -28.38 20.54 -44.78
CA VAL G 61 -29.03 21.83 -45.02
C VAL G 61 -30.47 21.62 -45.47
N VAL G 62 -30.67 20.74 -46.45
CA VAL G 62 -32.02 20.63 -47.00
C VAL G 62 -32.95 19.93 -46.04
N SER G 63 -32.44 18.99 -45.24
CA SER G 63 -33.28 18.37 -44.24
C SER G 63 -33.69 19.37 -43.18
N SER G 64 -32.79 20.29 -42.82
CA SER G 64 -33.14 21.33 -41.85
C SER G 64 -34.27 22.22 -42.39
N ILE G 65 -34.18 22.61 -43.65
CA ILE G 65 -35.22 23.42 -44.27
C ILE G 65 -36.52 22.65 -44.31
N GLU G 66 -36.46 21.38 -44.69
CA GLU G 66 -37.65 20.54 -44.71
C GLU G 66 -38.35 20.57 -43.36
N GLN G 67 -37.57 20.48 -42.28
CA GLN G 67 -38.13 20.55 -40.94
C GLN G 67 -38.74 21.92 -40.66
N LYS G 68 -38.09 22.98 -41.14
CA LYS G 68 -38.48 24.34 -40.79
C LYS G 68 -39.74 24.80 -41.52
N THR G 69 -40.24 24.05 -42.49
CA THR G 69 -41.28 24.53 -43.39
C THR G 69 -42.62 23.84 -43.15
N GLU G 70 -42.82 23.29 -41.96
CA GLU G 70 -44.14 22.79 -41.60
C GLU G 70 -45.15 23.93 -41.71
N GLY G 71 -46.22 23.68 -42.46
CA GLY G 71 -47.23 24.69 -42.73
C GLY G 71 -47.07 25.37 -44.07
N ALA G 72 -45.94 25.20 -44.73
CA ALA G 72 -45.72 25.78 -46.06
C ALA G 72 -45.74 24.59 -47.02
N GLU G 73 -46.92 24.32 -47.58
CA GLU G 73 -47.16 23.01 -48.17
C GLU G 73 -46.27 22.79 -49.37
N LYS G 74 -46.23 23.77 -50.28
CA LYS G 74 -45.44 23.61 -51.49
C LYS G 74 -43.95 23.63 -51.16
N LYS G 75 -43.51 24.54 -50.30
CA LYS G 75 -42.08 24.60 -50.03
C LYS G 75 -41.61 23.35 -49.33
N GLN G 76 -42.40 22.82 -48.40
CA GLN G 76 -41.93 21.64 -47.70
C GLN G 76 -41.90 20.43 -48.63
N GLN G 77 -42.87 20.29 -49.54
CA GLN G 77 -42.82 19.18 -50.48
C GLN G 77 -41.60 19.27 -51.38
N MET G 78 -41.26 20.48 -51.84
CA MET G 78 -40.06 20.64 -52.65
C MET G 78 -38.82 20.27 -51.86
N ALA G 79 -38.73 20.77 -50.63
CA ALA G 79 -37.56 20.47 -49.81
C ALA G 79 -37.46 18.98 -49.55
N ARG G 80 -38.60 18.34 -49.26
CA ARG G 80 -38.63 16.88 -49.11
C ARG G 80 -38.12 16.18 -50.38
N GLU G 81 -38.70 16.50 -51.54
CA GLU G 81 -38.27 15.84 -52.76
C GLU G 81 -36.78 16.08 -53.05
N TYR G 82 -36.30 17.28 -52.77
CA TYR G 82 -34.90 17.56 -53.02
C TYR G 82 -34.03 16.79 -52.03
N ARG G 83 -34.44 16.75 -50.76
CA ARG G 83 -33.73 15.96 -49.78
C ARG G 83 -33.70 14.48 -50.18
N GLU G 84 -34.80 13.96 -50.73
CA GLU G 84 -34.80 12.58 -51.19
C GLU G 84 -33.85 12.37 -52.36
N LYS G 85 -33.74 13.35 -53.26
CA LYS G 85 -32.82 13.19 -54.37
C LYS G 85 -31.37 13.16 -53.90
N ILE G 86 -31.01 14.06 -52.97
CA ILE G 86 -29.67 14.06 -52.43
C ILE G 86 -29.42 12.80 -51.64
N GLU G 87 -30.42 12.38 -50.89
CA GLU G 87 -30.27 11.19 -50.08
C GLU G 87 -30.06 9.96 -50.96
N THR G 88 -30.74 9.90 -52.11
CA THR G 88 -30.51 8.83 -53.06
C THR G 88 -29.06 8.80 -53.56
N GLU G 89 -28.50 9.96 -53.92
CA GLU G 89 -27.08 10.02 -54.29
C GLU G 89 -26.21 9.50 -53.16
N LEU G 90 -26.51 9.95 -51.94
CA LEU G 90 -25.71 9.63 -50.76
C LEU G 90 -25.74 8.13 -50.46
N ARG G 91 -26.94 7.51 -50.56
CA ARG G 91 -27.06 6.08 -50.34
C ARG G 91 -26.31 5.33 -51.41
N ASP G 92 -26.37 5.80 -52.65
CA ASP G 92 -25.66 5.15 -53.75
C ASP G 92 -24.16 5.21 -53.58
N ILE G 93 -23.64 6.36 -53.14
CA ILE G 93 -22.20 6.45 -52.89
C ILE G 93 -21.79 5.49 -51.80
N CYS G 94 -22.48 5.55 -50.66
CA CYS G 94 -22.18 4.66 -49.52
C CYS G 94 -22.23 3.19 -49.93
N ASN G 95 -23.26 2.80 -50.69
CA ASN G 95 -23.38 1.38 -51.03
C ASN G 95 -22.23 0.97 -51.94
N ASP G 96 -21.79 1.88 -52.82
CA ASP G 96 -20.65 1.62 -53.68
C ASP G 96 -19.40 1.41 -52.87
N VAL G 97 -19.18 2.26 -51.86
CA VAL G 97 -17.99 2.15 -51.05
C VAL G 97 -18.06 0.88 -50.24
N LEU G 98 -19.22 0.61 -49.61
CA LEU G 98 -19.36 -0.56 -48.76
C LEU G 98 -19.24 -1.86 -49.58
N SER G 99 -19.68 -1.85 -50.84
CA SER G 99 -19.47 -3.00 -51.73
C SER G 99 -18.00 -3.20 -52.04
N LEU G 100 -17.26 -2.11 -52.34
CA LEU G 100 -15.81 -2.24 -52.57
C LEU G 100 -15.13 -2.80 -51.34
N LEU G 101 -15.54 -2.35 -50.17
CA LEU G 101 -14.89 -2.81 -48.95
C LEU G 101 -15.13 -4.29 -48.74
N GLU G 102 -16.36 -4.75 -48.97
CA GLU G 102 -16.70 -6.14 -48.68
C GLU G 102 -16.17 -7.07 -49.77
N LYS G 103 -16.16 -6.63 -51.02
CA LYS G 103 -15.74 -7.51 -52.09
C LYS G 103 -14.23 -7.54 -52.30
N PHE G 104 -13.54 -6.43 -52.02
CA PHE G 104 -12.14 -6.30 -52.41
C PHE G 104 -11.28 -5.88 -51.23
N LEU G 105 -11.63 -4.78 -50.58
CA LEU G 105 -10.63 -4.14 -49.76
C LEU G 105 -10.42 -4.89 -48.45
N ILE G 106 -11.48 -5.18 -47.70
CA ILE G 106 -11.30 -5.94 -46.46
C ILE G 106 -10.72 -7.32 -46.73
N PRO G 107 -11.23 -8.11 -47.69
CA PRO G 107 -10.65 -9.46 -47.88
C PRO G 107 -9.20 -9.47 -48.29
N ASN G 108 -8.74 -8.51 -49.08
CA ASN G 108 -7.37 -8.51 -49.60
C ASN G 108 -6.38 -7.89 -48.62
N ALA G 109 -6.84 -7.33 -47.51
CA ALA G 109 -5.96 -6.64 -46.59
C ALA G 109 -5.01 -7.65 -45.96
N SER G 110 -3.72 -7.46 -46.19
CA SER G 110 -2.75 -8.45 -45.78
C SER G 110 -1.91 -8.00 -44.59
N GLN G 111 -2.06 -6.76 -44.14
CA GLN G 111 -1.40 -6.26 -42.94
C GLN G 111 -2.47 -5.64 -42.05
N ALA G 112 -2.18 -5.66 -40.74
CA ALA G 112 -3.13 -5.15 -39.76
C ALA G 112 -3.52 -3.70 -40.03
N GLU G 113 -2.53 -2.86 -40.37
CA GLU G 113 -2.83 -1.45 -40.55
C GLU G 113 -3.94 -1.25 -41.56
N SER G 114 -3.84 -1.89 -42.71
CA SER G 114 -4.89 -1.67 -43.69
C SER G 114 -6.18 -2.34 -43.24
N LYS G 115 -6.13 -3.48 -42.55
CA LYS G 115 -7.36 -4.07 -42.04
C LYS G 115 -8.11 -3.08 -41.16
N VAL G 116 -7.41 -2.47 -40.21
CA VAL G 116 -8.06 -1.48 -39.36
C VAL G 116 -8.55 -0.30 -40.18
N PHE G 117 -7.78 0.13 -41.16
CA PHE G 117 -8.19 1.27 -41.95
C PHE G 117 -9.51 0.98 -42.67
N TYR G 118 -9.63 -0.21 -43.24
CA TYR G 118 -10.82 -0.52 -44.03
C TYR G 118 -12.01 -0.83 -43.14
N LEU G 119 -11.78 -1.49 -42.00
CA LEU G 119 -12.90 -1.74 -41.10
C LEU G 119 -13.42 -0.42 -40.53
N LYS G 120 -12.51 0.50 -40.24
CA LYS G 120 -12.95 1.85 -39.87
C LYS G 120 -13.78 2.48 -40.98
N MET G 121 -13.30 2.39 -42.23
CA MET G 121 -14.04 2.93 -43.36
C MET G 121 -15.42 2.31 -43.46
N LYS G 122 -15.51 1.01 -43.19
CA LYS G 122 -16.82 0.35 -43.19
C LYS G 122 -17.69 0.94 -42.10
N GLY G 123 -17.11 1.17 -40.91
CA GLY G 123 -17.86 1.82 -39.85
C GLY G 123 -18.35 3.18 -40.30
N ASP G 124 -17.47 3.94 -40.96
CA ASP G 124 -17.80 5.30 -41.39
C ASP G 124 -18.95 5.31 -42.38
N TYR G 125 -18.90 4.44 -43.38
CA TYR G 125 -19.90 4.58 -44.44
C TYR G 125 -21.24 3.97 -44.01
N TYR G 126 -21.24 2.98 -43.11
CA TYR G 126 -22.50 2.63 -42.47
C TYR G 126 -22.99 3.76 -41.56
N ARG G 127 -22.10 4.46 -40.84
CA ARG G 127 -22.53 5.61 -40.06
C ARG G 127 -23.19 6.66 -40.92
N TYR G 128 -22.65 6.94 -42.09
CA TYR G 128 -23.26 7.93 -42.95
C TYR G 128 -24.66 7.46 -43.40
N LEU G 129 -24.82 6.17 -43.62
CA LEU G 129 -26.14 5.64 -43.91
C LEU G 129 -27.05 5.82 -42.70
N ALA G 130 -26.49 5.67 -41.51
CA ALA G 130 -27.30 5.79 -40.31
C ALA G 130 -27.76 7.22 -40.10
N GLU G 131 -26.99 8.19 -40.59
CA GLU G 131 -27.37 9.59 -40.46
C GLU G 131 -28.68 9.88 -41.17
N VAL G 132 -29.02 9.10 -42.18
CA VAL G 132 -30.22 9.37 -42.97
C VAL G 132 -31.23 8.24 -42.90
N ALA G 133 -30.89 7.10 -42.32
CA ALA G 133 -31.80 5.97 -42.37
C ALA G 133 -32.95 6.14 -41.39
N ALA G 134 -34.06 5.46 -41.65
CA ALA G 134 -35.19 5.55 -40.75
C ALA G 134 -36.01 4.25 -40.85
N GLY G 135 -35.47 3.18 -40.28
CA GLY G 135 -36.18 1.93 -40.10
C GLY G 135 -36.77 1.35 -41.36
N ASP G 137 -34.69 -0.91 -40.77
CA ASP G 137 -33.59 -0.62 -41.68
C ASP G 137 -32.46 0.09 -40.95
N LYS G 138 -32.80 1.15 -40.21
CA LYS G 138 -31.79 1.87 -39.44
C LYS G 138 -31.14 0.98 -38.40
N LYS G 139 -31.94 0.15 -37.71
CA LYS G 139 -31.37 -0.67 -36.64
C LYS G 139 -30.22 -1.53 -37.16
N GLY G 140 -30.42 -2.20 -38.30
CA GLY G 140 -29.37 -3.05 -38.84
C GLY G 140 -28.18 -2.25 -39.30
N ILE G 141 -28.43 -1.07 -39.88
CA ILE G 141 -27.35 -0.20 -40.34
C ILE G 141 -26.51 0.25 -39.16
N VAL G 142 -27.16 0.65 -38.09
CA VAL G 142 -26.45 1.04 -36.88
C VAL G 142 -25.59 -0.13 -36.37
N ASP G 143 -26.14 -1.36 -36.37
CA ASP G 143 -25.36 -2.44 -35.78
C ASP G 143 -24.22 -2.86 -36.68
N GLN G 144 -24.35 -2.75 -38.01
CA GLN G 144 -23.20 -2.96 -38.89
C GLN G 144 -22.09 -1.95 -38.62
N SER G 145 -22.45 -0.67 -38.39
CA SER G 145 -21.43 0.35 -38.13
C SER G 145 -20.71 0.04 -36.83
N GLN G 146 -21.47 -0.29 -35.80
CA GLN G 146 -20.88 -0.52 -34.49
C GLN G 146 -19.96 -1.73 -34.51
N GLN G 147 -20.35 -2.77 -35.23
CA GLN G 147 -19.56 -4.01 -35.23
C GLN G 147 -18.29 -3.82 -36.05
N ALA G 148 -18.36 -3.08 -37.15
CA ALA G 148 -17.15 -2.76 -37.90
C ALA G 148 -16.19 -1.94 -37.06
N TYR G 149 -16.71 -0.90 -36.40
CA TYR G 149 -15.86 -0.08 -35.54
C TYR G 149 -15.28 -0.90 -34.41
N GLN G 150 -16.10 -1.77 -33.82
CA GLN G 150 -15.64 -2.49 -32.65
C GLN G 150 -14.51 -3.44 -33.03
N GLU G 151 -14.65 -4.13 -34.18
CA GLU G 151 -13.60 -5.01 -34.63
C GLU G 151 -12.31 -4.23 -34.91
N ALA G 152 -12.42 -3.09 -35.60
CA ALA G 152 -11.26 -2.27 -35.89
C ALA G 152 -10.57 -1.87 -34.61
N PHE G 153 -11.37 -1.44 -33.62
CA PHE G 153 -10.88 -0.96 -32.33
C PHE G 153 -10.07 -2.04 -31.64
N GLU G 154 -10.60 -3.25 -31.61
CA GLU G 154 -9.90 -4.34 -30.94
C GLU G 154 -8.59 -4.65 -31.63
N ILE G 155 -8.59 -4.75 -32.95
CA ILE G 155 -7.34 -4.96 -33.68
C ILE G 155 -6.36 -3.81 -33.42
N SER G 156 -6.84 -2.56 -33.41
CA SER G 156 -5.91 -1.45 -33.25
C SER G 156 -5.26 -1.46 -31.88
N LYS G 157 -5.96 -1.97 -30.87
CA LYS G 157 -5.42 -2.01 -29.51
C LYS G 157 -4.34 -3.06 -29.38
N LYS G 158 -4.43 -4.12 -30.16
CA LYS G 158 -3.41 -5.16 -30.18
C LYS G 158 -2.25 -4.83 -31.10
N GLU G 159 -2.50 -4.07 -32.17
CA GLU G 159 -1.51 -3.93 -33.24
C GLU G 159 -0.88 -2.54 -33.36
N MET G 160 -1.43 -1.47 -32.76
CA MET G 160 -0.92 -0.15 -33.06
C MET G 160 -0.59 0.59 -31.77
N GLN G 161 0.44 1.42 -31.83
CA GLN G 161 0.74 2.28 -30.69
C GLN G 161 -0.40 3.27 -30.49
N PRO G 162 -0.55 3.80 -29.27
CA PRO G 162 -1.59 4.79 -28.98
C PRO G 162 -1.53 6.02 -29.85
N THR G 163 -0.37 6.38 -30.35
CA THR G 163 -0.21 7.58 -31.17
C THR G 163 -0.39 7.29 -32.65
N HIS G 164 -0.68 6.07 -33.01
CA HIS G 164 -0.81 5.76 -34.42
C HIS G 164 -2.02 6.49 -34.98
N PRO G 165 -1.86 7.22 -36.07
CA PRO G 165 -2.97 8.03 -36.56
C PRO G 165 -4.19 7.23 -36.99
N ILE G 166 -4.04 6.00 -37.47
CA ILE G 166 -5.20 5.21 -37.82
C ILE G 166 -5.94 4.79 -36.55
N ARG G 167 -5.19 4.42 -35.50
CA ARG G 167 -5.82 4.10 -34.23
C ARG G 167 -6.53 5.31 -33.67
N LEU G 168 -5.89 6.48 -33.74
CA LEU G 168 -6.52 7.68 -33.21
C LEU G 168 -7.72 8.13 -34.03
N GLY G 169 -7.61 8.09 -35.38
CA GLY G 169 -8.72 8.46 -36.23
C GLY G 169 -9.90 7.51 -36.08
N LEU G 170 -9.61 6.25 -35.80
CA LEU G 170 -10.67 5.30 -35.47
C LEU G 170 -11.36 5.66 -34.16
N ALA G 171 -10.58 5.97 -33.13
CA ALA G 171 -11.22 6.35 -31.88
C ALA G 171 -12.05 7.58 -32.05
N LEU G 172 -11.55 8.56 -32.81
CA LEU G 172 -12.29 9.78 -33.06
C LEU G 172 -13.65 9.46 -33.70
N ASN G 173 -13.64 8.71 -34.79
CA ASN G 173 -14.90 8.44 -35.47
C ASN G 173 -15.81 7.54 -34.67
N PHE G 174 -15.25 6.59 -33.91
CA PHE G 174 -16.08 5.72 -33.10
C PHE G 174 -16.74 6.51 -31.97
N SER G 175 -16.04 7.52 -31.41
CA SER G 175 -16.68 8.39 -30.43
C SER G 175 -17.79 9.20 -31.08
N VAL G 176 -17.60 9.67 -32.32
CA VAL G 176 -18.64 10.41 -32.99
C VAL G 176 -19.85 9.52 -33.22
N PHE G 177 -19.62 8.25 -33.57
CA PHE G 177 -20.72 7.31 -33.72
C PHE G 177 -21.53 7.22 -32.43
N TYR G 178 -20.86 7.07 -31.28
CA TYR G 178 -21.61 7.00 -30.03
C TYR G 178 -22.37 8.28 -29.75
N TYR G 179 -21.73 9.44 -29.99
CA TYR G 179 -22.37 10.72 -29.69
C TYR G 179 -23.57 10.98 -30.60
N GLU G 180 -23.39 10.85 -31.92
CA GLU G 180 -24.35 11.28 -32.94
C GLU G 180 -25.35 10.19 -33.31
N ILE G 181 -24.92 8.94 -33.43
CA ILE G 181 -25.84 7.89 -33.87
C ILE G 181 -26.51 7.23 -32.68
N LEU G 182 -25.79 6.93 -31.61
CA LEU G 182 -26.38 6.27 -30.46
C LEU G 182 -26.78 7.24 -29.37
N ASN G 183 -26.61 8.54 -29.58
CA ASN G 183 -26.98 9.53 -28.59
C ASN G 183 -26.52 9.07 -27.20
N SER G 184 -25.25 8.69 -27.13
CA SER G 184 -24.63 8.13 -25.94
C SER G 184 -23.43 9.01 -25.62
N PRO G 185 -23.68 10.22 -25.12
CA PRO G 185 -22.60 11.18 -24.95
C PRO G 185 -21.59 10.80 -23.88
N GLU G 186 -22.00 10.09 -22.82
CA GLU G 186 -21.03 9.67 -21.82
C GLU G 186 -20.04 8.67 -22.42
N LYS G 187 -20.55 7.71 -23.18
CA LYS G 187 -19.68 6.73 -23.82
C LYS G 187 -18.78 7.42 -24.85
N ALA G 188 -19.32 8.39 -25.57
CA ALA G 188 -18.54 9.09 -26.58
C ALA G 188 -17.37 9.82 -25.94
N CYS G 189 -17.65 10.53 -24.86
CA CYS G 189 -16.61 11.27 -24.18
C CYS G 189 -15.58 10.34 -23.54
N SER G 190 -16.03 9.20 -23.03
CA SER G 190 -15.10 8.26 -22.41
C SER G 190 -14.12 7.73 -23.45
N LEU G 191 -14.65 7.27 -24.58
CA LEU G 191 -13.80 6.73 -25.65
C LEU G 191 -12.82 7.79 -26.15
N ALA G 192 -13.31 8.99 -26.42
CA ALA G 192 -12.42 10.02 -26.94
C ALA G 192 -11.34 10.39 -25.93
N LYS G 193 -11.72 10.57 -24.67
CA LYS G 193 -10.74 11.00 -23.67
C LYS G 193 -9.70 9.92 -23.43
N THR G 194 -10.14 8.66 -23.40
CA THR G 194 -9.19 7.57 -23.18
C THR G 194 -8.19 7.50 -24.30
N ALA G 195 -8.63 7.64 -25.55
CA ALA G 195 -7.68 7.62 -26.63
C ALA G 195 -6.70 8.80 -26.56
N PHE G 196 -7.18 9.98 -26.25
CA PHE G 196 -6.30 11.13 -26.14
C PHE G 196 -5.27 10.91 -25.03
N ASP G 197 -5.76 10.41 -23.88
CA ASP G 197 -4.91 10.21 -22.71
C ASP G 197 -3.86 9.16 -22.96
N GLU G 198 -4.22 8.07 -23.64
CA GLU G 198 -3.22 7.06 -23.94
C GLU G 198 -2.16 7.63 -24.88
N ALA G 199 -2.58 8.41 -25.86
CA ALA G 199 -1.57 8.99 -26.73
C ALA G 199 -0.65 9.96 -25.98
N ILE G 200 -1.20 10.83 -25.12
CA ILE G 200 -0.40 11.81 -24.38
C ILE G 200 0.59 11.08 -23.49
N ALA G 201 0.13 10.00 -22.86
CA ALA G 201 1.01 9.22 -22.02
C ALA G 201 2.17 8.68 -22.82
N GLU G 202 1.90 8.17 -24.03
CA GLU G 202 2.98 7.68 -24.85
C GLU G 202 3.93 8.81 -25.21
N LEU G 203 3.37 9.93 -25.66
CA LEU G 203 4.19 11.06 -26.07
C LEU G 203 5.05 11.55 -24.93
N ASP G 204 4.56 11.40 -23.72
CA ASP G 204 5.33 11.86 -22.56
C ASP G 204 6.51 10.94 -22.23
N THR G 205 6.54 9.72 -22.80
CA THR G 205 7.68 8.79 -22.69
C THR G 205 8.65 8.90 -23.86
N LEU G 206 8.34 9.69 -24.88
CA LEU G 206 9.15 9.74 -26.09
C LEU G 206 10.02 11.00 -26.10
N SER G 207 11.23 10.86 -26.61
CA SER G 207 12.07 12.03 -26.87
C SER G 207 12.09 12.44 -28.34
N GLU G 208 11.56 11.60 -29.23
CA GLU G 208 11.45 11.92 -30.65
C GLU G 208 10.01 12.26 -30.99
N GLU G 209 9.84 12.92 -32.13
CA GLU G 209 8.47 13.17 -32.56
C GLU G 209 7.84 11.85 -32.99
N SER G 210 6.52 11.77 -32.82
CA SER G 210 5.78 10.59 -33.26
C SER G 210 5.17 10.91 -34.63
N TYR G 211 4.07 10.25 -34.95
CA TYR G 211 3.50 10.36 -36.29
C TYR G 211 2.90 11.74 -36.52
N LYS G 212 3.26 12.37 -37.63
CA LYS G 212 2.89 13.75 -37.85
C LYS G 212 1.40 13.93 -38.06
N ASP G 213 0.70 12.89 -38.51
CA ASP G 213 -0.73 13.05 -38.75
C ASP G 213 -1.53 12.95 -37.47
N SER G 214 -0.92 12.54 -36.38
CA SER G 214 -1.67 12.35 -35.16
C SER G 214 -1.93 13.66 -34.44
N THR G 215 -1.09 14.67 -34.69
CA THR G 215 -1.31 15.97 -34.06
C THR G 215 -2.71 16.49 -34.36
N LEU G 216 -3.08 16.45 -35.63
CA LEU G 216 -4.39 16.92 -36.06
C LEU G 216 -5.51 16.15 -35.38
N ILE G 217 -5.40 14.81 -35.35
CA ILE G 217 -6.45 13.99 -34.79
C ILE G 217 -6.59 14.26 -33.30
N MET G 218 -5.47 14.48 -32.59
CA MET G 218 -5.56 14.74 -31.17
C MET G 218 -6.25 16.07 -30.92
N GLN G 219 -5.99 17.08 -31.76
CA GLN G 219 -6.72 18.33 -31.65
C GLN G 219 -8.23 18.12 -31.80
N LEU G 220 -8.64 17.30 -32.76
CA LEU G 220 -10.08 17.11 -32.93
C LEU G 220 -10.69 16.30 -31.78
N LEU G 221 -9.97 15.30 -31.27
CA LEU G 221 -10.44 14.60 -30.08
C LEU G 221 -10.69 15.57 -28.93
N ARG G 222 -9.71 16.43 -28.64
CA ARG G 222 -9.85 17.38 -27.55
C ARG G 222 -11.02 18.32 -27.79
N ASP G 223 -11.15 18.79 -29.01
CA ASP G 223 -12.17 19.79 -29.30
C ASP G 223 -13.56 19.21 -29.37
N ASN G 224 -13.71 17.93 -29.76
CA ASN G 224 -15.02 17.31 -29.63
C ASN G 224 -15.42 17.25 -28.16
N LEU G 225 -14.48 16.89 -27.27
CA LEU G 225 -14.84 16.81 -25.86
C LEU G 225 -15.35 18.15 -25.37
N THR G 226 -14.74 19.24 -25.82
CA THR G 226 -15.21 20.57 -25.43
C THR G 226 -16.58 20.84 -26.01
N LEU G 227 -16.77 20.54 -27.31
CA LEU G 227 -18.08 20.69 -27.93
C LEU G 227 -19.15 19.90 -27.19
N TRP G 228 -18.86 18.65 -26.84
CA TRP G 228 -19.88 17.75 -26.33
C TRP G 228 -20.27 18.09 -24.90
N THR G 229 -19.38 18.78 -24.17
CA THR G 229 -19.65 19.26 -22.83
C THR G 229 -20.00 20.75 -22.85
N SER G 230 -20.62 21.18 -23.96
CA SER G 230 -20.84 22.58 -24.33
C SER G 230 -19.64 23.45 -24.02
N ARG H 4 -21.73 20.21 -36.49
CA ARG H 4 -21.60 18.81 -36.11
C ARG H 4 -20.28 18.52 -35.37
N SER H 5 -20.14 17.31 -34.84
CA SER H 5 -18.87 16.83 -34.34
C SER H 5 -17.84 16.86 -35.45
N TYR H 6 -16.57 16.90 -35.05
CA TYR H 6 -15.45 16.74 -35.94
C TYR H 6 -15.16 15.27 -36.07
N SER H 8 -12.64 12.40 -38.43
CA SER H 8 -11.33 12.27 -39.07
C SER H 8 -11.22 12.67 -40.54
N PRO H 9 -10.40 13.71 -40.85
CA PRO H 9 -10.27 13.99 -42.28
C PRO H 9 -9.44 12.97 -43.03
N ASP H 10 -8.94 11.93 -42.34
CA ASP H 10 -8.26 10.81 -42.99
C ASP H 10 -7.09 11.32 -43.83
N ILE H 11 -6.38 12.31 -43.30
CA ILE H 11 -5.27 12.95 -43.98
C ILE H 11 -3.99 12.18 -43.65
N THR H 12 -3.30 11.74 -44.69
CA THR H 12 -1.91 11.31 -44.57
C THR H 12 -1.08 12.37 -45.29
N GLN H 13 -0.26 13.09 -44.53
CA GLN H 13 0.58 14.16 -45.08
C GLN H 13 1.64 13.58 -46.00
#